data_2QIC
# 
_entry.id   2QIC 
# 
_audit_conform.dict_name       mmcif_pdbx.dic 
_audit_conform.dict_version    5.377 
_audit_conform.dict_location   http://mmcif.pdb.org/dictionaries/ascii/mmcif_pdbx.dic 
# 
loop_
_database_2.database_id 
_database_2.database_code 
_database_2.pdbx_database_accession 
_database_2.pdbx_DOI 
PDB   2QIC         pdb_00002qic 10.2210/pdb2qic/pdb 
RCSB  RCSB043635   ?            ?                   
WWPDB D_1000043635 ?            ?                   
# 
_pdbx_database_status.status_code                     REL 
_pdbx_database_status.entry_id                        2QIC 
_pdbx_database_status.recvd_initial_deposition_date   2007-07-03 
_pdbx_database_status.deposit_site                    RCSB 
_pdbx_database_status.process_site                    RCSB 
_pdbx_database_status.status_code_sf                  REL 
_pdbx_database_status.status_code_mr                  ? 
_pdbx_database_status.SG_entry                        ? 
_pdbx_database_status.pdb_format_compatible           Y 
_pdbx_database_status.status_code_cs                  ? 
_pdbx_database_status.status_code_nmr_data            ? 
_pdbx_database_status.methods_development_category    ? 
# 
loop_
_audit_author.name 
_audit_author.pdbx_ordinal 
'Pena, P.V.'        1 
'Champagne, K.'     2 
'Zhao, R.'          3 
'Kutateladze, T.G.' 4 
# 
_citation.id                        primary 
_citation.title                     
'Histone H3K4me3 binding is required for the DNA repair and apoptotic activities of ING1 tumor suppressor.' 
_citation.journal_abbrev            J.Mol.Biol. 
_citation.journal_volume            380 
_citation.page_first                303 
_citation.page_last                 312 
_citation.year                      2008 
_citation.journal_id_ASTM           JMOBAK 
_citation.country                   UK 
_citation.journal_id_ISSN           0022-2836 
_citation.journal_id_CSD            0070 
_citation.book_publisher            ? 
_citation.pdbx_database_id_PubMed   18533182 
_citation.pdbx_database_id_DOI      10.1016/j.jmb.2008.04.061 
# 
loop_
_citation_author.citation_id 
_citation_author.name 
_citation_author.ordinal 
_citation_author.identifier_ORCID 
primary 'Pena, P.V.'        1  ? 
primary 'Hom, R.A.'         2  ? 
primary 'Hung, T.'          3  ? 
primary 'Lin, H.'           4  ? 
primary 'Kuo, A.J.'         5  ? 
primary 'Wong, R.P.'        6  ? 
primary 'Subach, O.M.'      7  ? 
primary 'Champagne, K.S.'   8  ? 
primary 'Zhao, R.'          9  ? 
primary 'Verkhusha, V.V.'   10 ? 
primary 'Li, G.'            11 ? 
primary 'Gozani, O.'        12 ? 
primary 'Kutateladze, T.G.' 13 ? 
# 
_cell.entry_id           2QIC 
_cell.length_a           49.060 
_cell.length_b           49.060 
_cell.length_c           52.620 
_cell.angle_alpha        90.00 
_cell.angle_beta         90.00 
_cell.angle_gamma        120.00 
_cell.Z_PDB              6 
_cell.pdbx_unique_axis   ? 
_cell.length_a_esd       ? 
_cell.length_b_esd       ? 
_cell.length_c_esd       ? 
_cell.angle_alpha_esd    ? 
_cell.angle_beta_esd     ? 
_cell.angle_gamma_esd    ? 
# 
_symmetry.entry_id                         2QIC 
_symmetry.space_group_name_H-M             'P 32 2 1' 
_symmetry.pdbx_full_space_group_name_H-M   ? 
_symmetry.cell_setting                     ? 
_symmetry.Int_Tables_number                154 
_symmetry.space_group_name_Hall            ? 
# 
loop_
_entity.id 
_entity.type 
_entity.src_method 
_entity.pdbx_description 
_entity.formula_weight 
_entity.pdbx_number_of_molecules 
_entity.pdbx_ec 
_entity.pdbx_mutation 
_entity.pdbx_fragment 
_entity.details 
1 polymer     man 'Inhibitor of growth protein 1' 7075.926 1  ? ? 'PHD DOMAIN (RESIDUES 345-404)' ? 
2 polymer     syn 'H3K4ME3 PEPTIDE'               1350.568 1  ? ? ?                               ? 
3 non-polymer syn 'ZINC ION'                      65.409   2  ? ? ?                               ? 
4 water       nat water                           18.015   41 ? ? ?                               ? 
# 
loop_
_entity_poly.entity_id 
_entity_poly.type 
_entity_poly.nstd_linkage 
_entity_poly.nstd_monomer 
_entity_poly.pdbx_seq_one_letter_code 
_entity_poly.pdbx_seq_one_letter_code_can 
_entity_poly.pdbx_strand_id 
_entity_poly.pdbx_target_identifier 
1 'polypeptide(L)' no no  GSDLPIDPNEPTYCLCNQVSYGEMIGCDNDECPIEWFHFSCVGLNHKPKGKWYCPKCRGENE 
GSDLPIDPNEPTYCLCNQVSYGEMIGCDNDECPIEWFHFSCVGLNHKPKGKWYCPKCRGENE A ? 
2 'polypeptide(L)' no yes 'ART(M3L)QTARKSTG'                                             ARTKQTARKSTG B ? 
# 
loop_
_entity_poly_seq.entity_id 
_entity_poly_seq.num 
_entity_poly_seq.mon_id 
_entity_poly_seq.hetero 
1 1  GLY n 
1 2  SER n 
1 3  ASP n 
1 4  LEU n 
1 5  PRO n 
1 6  ILE n 
1 7  ASP n 
1 8  PRO n 
1 9  ASN n 
1 10 GLU n 
1 11 PRO n 
1 12 THR n 
1 13 TYR n 
1 14 CYS n 
1 15 LEU n 
1 16 CYS n 
1 17 ASN n 
1 18 GLN n 
1 19 VAL n 
1 20 SER n 
1 21 TYR n 
1 22 GLY n 
1 23 GLU n 
1 24 MET n 
1 25 ILE n 
1 26 GLY n 
1 27 CYS n 
1 28 ASP n 
1 29 ASN n 
1 30 ASP n 
1 31 GLU n 
1 32 CYS n 
1 33 PRO n 
1 34 ILE n 
1 35 GLU n 
1 36 TRP n 
1 37 PHE n 
1 38 HIS n 
1 39 PHE n 
1 40 SER n 
1 41 CYS n 
1 42 VAL n 
1 43 GLY n 
1 44 LEU n 
1 45 ASN n 
1 46 HIS n 
1 47 LYS n 
1 48 PRO n 
1 49 LYS n 
1 50 GLY n 
1 51 LYS n 
1 52 TRP n 
1 53 TYR n 
1 54 CYS n 
1 55 PRO n 
1 56 LYS n 
1 57 CYS n 
1 58 ARG n 
1 59 GLY n 
1 60 GLU n 
1 61 ASN n 
1 62 GLU n 
2 1  ALA n 
2 2  ARG n 
2 3  THR n 
2 4  M3L n 
2 5  GLN n 
2 6  THR n 
2 7  ALA n 
2 8  ARG n 
2 9  LYS n 
2 10 SER n 
2 11 THR n 
2 12 GLY n 
# 
_entity_src_gen.entity_id                          1 
_entity_src_gen.pdbx_src_id                        1 
_entity_src_gen.pdbx_alt_source_flag               sample 
_entity_src_gen.pdbx_seq_type                      ? 
_entity_src_gen.pdbx_beg_seq_num                   ? 
_entity_src_gen.pdbx_end_seq_num                   ? 
_entity_src_gen.gene_src_common_name               human 
_entity_src_gen.gene_src_genus                     Homo 
_entity_src_gen.pdbx_gene_src_gene                 ING1 
_entity_src_gen.gene_src_species                   ? 
_entity_src_gen.gene_src_strain                    ? 
_entity_src_gen.gene_src_tissue                    ? 
_entity_src_gen.gene_src_tissue_fraction           ? 
_entity_src_gen.gene_src_details                   ? 
_entity_src_gen.pdbx_gene_src_fragment             ? 
_entity_src_gen.pdbx_gene_src_scientific_name      'Homo sapiens' 
_entity_src_gen.pdbx_gene_src_ncbi_taxonomy_id     9606 
_entity_src_gen.pdbx_gene_src_variant              ? 
_entity_src_gen.pdbx_gene_src_cell_line            ? 
_entity_src_gen.pdbx_gene_src_atcc                 ? 
_entity_src_gen.pdbx_gene_src_organ                ? 
_entity_src_gen.pdbx_gene_src_organelle            ? 
_entity_src_gen.pdbx_gene_src_cell                 ? 
_entity_src_gen.pdbx_gene_src_cellular_location    ? 
_entity_src_gen.host_org_common_name               ? 
_entity_src_gen.pdbx_host_org_scientific_name      'Escherichia coli' 
_entity_src_gen.pdbx_host_org_ncbi_taxonomy_id     562 
_entity_src_gen.host_org_genus                     Escherichia 
_entity_src_gen.pdbx_host_org_gene                 ? 
_entity_src_gen.pdbx_host_org_organ                ? 
_entity_src_gen.host_org_species                   ? 
_entity_src_gen.pdbx_host_org_tissue               ? 
_entity_src_gen.pdbx_host_org_tissue_fraction      ? 
_entity_src_gen.pdbx_host_org_strain               'BL21(DE3) pLysS' 
_entity_src_gen.pdbx_host_org_variant              ? 
_entity_src_gen.pdbx_host_org_cell_line            ? 
_entity_src_gen.pdbx_host_org_atcc                 ? 
_entity_src_gen.pdbx_host_org_culture_collection   ? 
_entity_src_gen.pdbx_host_org_cell                 ? 
_entity_src_gen.pdbx_host_org_organelle            ? 
_entity_src_gen.pdbx_host_org_cellular_location    ? 
_entity_src_gen.pdbx_host_org_vector_type          PLASMID 
_entity_src_gen.pdbx_host_org_vector               ? 
_entity_src_gen.host_org_details                   ? 
_entity_src_gen.expression_system_id               ? 
_entity_src_gen.plasmid_name                       PGEX-2T 
_entity_src_gen.plasmid_details                    ? 
_entity_src_gen.pdbx_description                   ? 
# 
_pdbx_entity_src_syn.entity_id              2 
_pdbx_entity_src_syn.pdbx_src_id            1 
_pdbx_entity_src_syn.pdbx_alt_source_flag   sample 
_pdbx_entity_src_syn.pdbx_beg_seq_num       ? 
_pdbx_entity_src_syn.pdbx_end_seq_num       ? 
_pdbx_entity_src_syn.organism_scientific    ? 
_pdbx_entity_src_syn.organism_common_name   ? 
_pdbx_entity_src_syn.ncbi_taxonomy_id       ? 
_pdbx_entity_src_syn.details                'Synthetic PEPTIDE H3K4ME3' 
# 
loop_
_struct_ref.id 
_struct_ref.db_name 
_struct_ref.db_code 
_struct_ref.pdbx_db_accession 
_struct_ref.entity_id 
_struct_ref.pdbx_seq_one_letter_code 
_struct_ref.pdbx_align_begin 
_struct_ref.pdbx_db_isoform 
1 UNP ING1_HUMAN Q9UK53 1 DLPIDPNEPTYCLCNQVSYGEMIGCDNDECPIEWFHFSCVGLNHKPKGKWYCPKCRGENE 345 ? 
2 PDB 2QIC       2QIC   2 ?                                                            ?   ? 
# 
loop_
_struct_ref_seq.align_id 
_struct_ref_seq.ref_id 
_struct_ref_seq.pdbx_PDB_id_code 
_struct_ref_seq.pdbx_strand_id 
_struct_ref_seq.seq_align_beg 
_struct_ref_seq.pdbx_seq_align_beg_ins_code 
_struct_ref_seq.seq_align_end 
_struct_ref_seq.pdbx_seq_align_end_ins_code 
_struct_ref_seq.pdbx_db_accession 
_struct_ref_seq.db_align_beg 
_struct_ref_seq.pdbx_db_align_beg_ins_code 
_struct_ref_seq.db_align_end 
_struct_ref_seq.pdbx_db_align_end_ins_code 
_struct_ref_seq.pdbx_auth_seq_align_beg 
_struct_ref_seq.pdbx_auth_seq_align_end 
1 1 2QIC A 3 ? 62 ? Q9UK53 345 ? 404 ? 202 261 
2 2 2QIC B 1 ? 12 ? 2QIC   1   ? 12  ? 1   12  
# 
loop_
_struct_ref_seq_dif.align_id 
_struct_ref_seq_dif.pdbx_pdb_id_code 
_struct_ref_seq_dif.mon_id 
_struct_ref_seq_dif.pdbx_pdb_strand_id 
_struct_ref_seq_dif.seq_num 
_struct_ref_seq_dif.pdbx_pdb_ins_code 
_struct_ref_seq_dif.pdbx_seq_db_name 
_struct_ref_seq_dif.pdbx_seq_db_accession_code 
_struct_ref_seq_dif.db_mon_id 
_struct_ref_seq_dif.pdbx_seq_db_seq_num 
_struct_ref_seq_dif.details 
_struct_ref_seq_dif.pdbx_auth_seq_num 
_struct_ref_seq_dif.pdbx_ordinal 
1 2QIC GLY A 1 ? UNP Q9UK53 ? ? 'expression tag' 200 1 
1 2QIC SER A 2 ? UNP Q9UK53 ? ? 'expression tag' 201 2 
# 
loop_
_chem_comp.id 
_chem_comp.type 
_chem_comp.mon_nstd_flag 
_chem_comp.name 
_chem_comp.pdbx_synonyms 
_chem_comp.formula 
_chem_comp.formula_weight 
ALA 'L-peptide linking' y ALANINE           ? 'C3 H7 N O2'     89.093  
ARG 'L-peptide linking' y ARGININE          ? 'C6 H15 N4 O2 1' 175.209 
ASN 'L-peptide linking' y ASPARAGINE        ? 'C4 H8 N2 O3'    132.118 
ASP 'L-peptide linking' y 'ASPARTIC ACID'   ? 'C4 H7 N O4'     133.103 
CYS 'L-peptide linking' y CYSTEINE          ? 'C3 H7 N O2 S'   121.158 
GLN 'L-peptide linking' y GLUTAMINE         ? 'C5 H10 N2 O3'   146.144 
GLU 'L-peptide linking' y 'GLUTAMIC ACID'   ? 'C5 H9 N O4'     147.129 
GLY 'peptide linking'   y GLYCINE           ? 'C2 H5 N O2'     75.067  
HIS 'L-peptide linking' y HISTIDINE         ? 'C6 H10 N3 O2 1' 156.162 
HOH non-polymer         . WATER             ? 'H2 O'           18.015  
ILE 'L-peptide linking' y ISOLEUCINE        ? 'C6 H13 N O2'    131.173 
LEU 'L-peptide linking' y LEUCINE           ? 'C6 H13 N O2'    131.173 
LYS 'L-peptide linking' y LYSINE            ? 'C6 H15 N2 O2 1' 147.195 
M3L 'L-peptide linking' n N-TRIMETHYLLYSINE ? 'C9 H21 N2 O2 1' 189.275 
MET 'L-peptide linking' y METHIONINE        ? 'C5 H11 N O2 S'  149.211 
PHE 'L-peptide linking' y PHENYLALANINE     ? 'C9 H11 N O2'    165.189 
PRO 'L-peptide linking' y PROLINE           ? 'C5 H9 N O2'     115.130 
SER 'L-peptide linking' y SERINE            ? 'C3 H7 N O3'     105.093 
THR 'L-peptide linking' y THREONINE         ? 'C4 H9 N O3'     119.119 
TRP 'L-peptide linking' y TRYPTOPHAN        ? 'C11 H12 N2 O2'  204.225 
TYR 'L-peptide linking' y TYROSINE          ? 'C9 H11 N O3'    181.189 
VAL 'L-peptide linking' y VALINE            ? 'C5 H11 N O2'    117.146 
ZN  non-polymer         . 'ZINC ION'        ? 'Zn 2'           65.409  
# 
_exptl.entry_id          2QIC 
_exptl.method            'X-RAY DIFFRACTION' 
_exptl.crystals_number   1 
# 
_exptl_crystal.id                    1 
_exptl_crystal.density_meas          ? 
_exptl_crystal.density_Matthews      2.17 
_exptl_crystal.density_percent_sol   43.26 
_exptl_crystal.description           ? 
_exptl_crystal.F_000                 ? 
_exptl_crystal.preparation           ? 
# 
_exptl_crystal_grow.crystal_id      1 
_exptl_crystal_grow.method          'VAPOR DIFFUSION, HANGING DROP' 
_exptl_crystal_grow.temp            277 
_exptl_crystal_grow.temp_details    ? 
_exptl_crystal_grow.pH              7.0 
_exptl_crystal_grow.pdbx_details    
'0.01 M NiCl2 6H20, 0.1 M Tris, 20% polyethylene glycol monomethyl ether 2K, pH 7.0, VAPOR DIFFUSION, HANGING DROP, temperature 277K' 
_exptl_crystal_grow.pdbx_pH_range   . 
# 
_diffrn.id                     1 
_diffrn.ambient_temp           100 
_diffrn.ambient_temp_details   ? 
_diffrn.crystal_id             1 
# 
_diffrn_detector.diffrn_id              1 
_diffrn_detector.detector               'AREA DETECTOR' 
_diffrn_detector.type                   ? 
_diffrn_detector.pdbx_collection_date   2007-02-26 
_diffrn_detector.details                ? 
# 
_diffrn_radiation.diffrn_id                        1 
_diffrn_radiation.wavelength_id                    1 
_diffrn_radiation.pdbx_monochromatic_or_laue_m_l   M 
_diffrn_radiation.monochromator                    ? 
_diffrn_radiation.pdbx_diffrn_protocol             'SINGLE WAVELENGTH' 
_diffrn_radiation.pdbx_scattering_type             x-ray 
# 
_diffrn_radiation_wavelength.id           1 
_diffrn_radiation_wavelength.wavelength   1.257 
_diffrn_radiation_wavelength.wt           1.0 
# 
_diffrn_source.diffrn_id                   1 
_diffrn_source.source                      SYNCHROTRON 
_diffrn_source.type                        'ALS BEAMLINE 4.2.2' 
_diffrn_source.pdbx_synchrotron_site       ALS 
_diffrn_source.pdbx_synchrotron_beamline   4.2.2 
_diffrn_source.pdbx_wavelength             ? 
_diffrn_source.pdbx_wavelength_list        1.257 
# 
_reflns.entry_id                     2QIC 
_reflns.observed_criterion_sigma_F   0 
_reflns.observed_criterion_sigma_I   ? 
_reflns.d_resolution_high            2.1 
_reflns.d_resolution_low             25 
_reflns.number_all                   4526 
_reflns.number_obs                   4526 
_reflns.percent_possible_obs         100 
_reflns.pdbx_Rmerge_I_obs            0.071 
_reflns.pdbx_Rsym_value              ? 
_reflns.pdbx_netI_over_sigmaI        16.3 
_reflns.B_iso_Wilson_estimate        ? 
_reflns.pdbx_redundancy              9.35 
_reflns.R_free_details               ? 
_reflns.limit_h_max                  ? 
_reflns.limit_h_min                  ? 
_reflns.limit_k_max                  ? 
_reflns.limit_k_min                  ? 
_reflns.limit_l_max                  ? 
_reflns.limit_l_min                  ? 
_reflns.observed_criterion_F_max     ? 
_reflns.observed_criterion_F_min     ? 
_reflns.pdbx_chi_squared             ? 
_reflns.pdbx_scaling_rejects         ? 
_reflns.pdbx_diffrn_id               1 
_reflns.pdbx_ordinal                 1 
# 
_reflns_shell.d_res_high             2.1 
_reflns_shell.d_res_low              2.18 
_reflns_shell.percent_possible_all   100 
_reflns_shell.Rmerge_I_obs           0.253 
_reflns_shell.pdbx_Rsym_value        ? 
_reflns_shell.meanI_over_sigI_obs    5.4 
_reflns_shell.pdbx_redundancy        9.78 
_reflns_shell.percent_possible_obs   ? 
_reflns_shell.number_unique_all      450 
_reflns_shell.number_measured_all    ? 
_reflns_shell.number_measured_obs    ? 
_reflns_shell.number_unique_obs      ? 
_reflns_shell.pdbx_chi_squared       ? 
_reflns_shell.pdbx_diffrn_id         ? 
_reflns_shell.pdbx_ordinal           1 
# 
_refine.entry_id                                 2QIC 
_refine.ls_d_res_high                            2.1 
_refine.ls_d_res_low                             25 
_refine.pdbx_ls_sigma_F                          ? 
_refine.pdbx_ls_sigma_I                          ? 
_refine.ls_number_reflns_all                     4526 
_refine.ls_number_reflns_obs                     4526 
_refine.ls_number_reflns_R_free                  473 
_refine.ls_percent_reflns_obs                    99.9 
_refine.ls_R_factor_all                          ? 
_refine.ls_R_factor_obs                          ? 
_refine.ls_R_factor_R_work                       0.240 
_refine.ls_R_factor_R_free                       0.264 
_refine.ls_redundancy_reflns_obs                 ? 
_refine.pdbx_data_cutoff_high_absF               ? 
_refine.pdbx_data_cutoff_low_absF                ? 
_refine.ls_number_parameters                     ? 
_refine.ls_number_restraints                     ? 
_refine.ls_percent_reflns_R_free                 ? 
_refine.ls_R_factor_R_free_error                 ? 
_refine.ls_R_factor_R_free_error_details         ? 
_refine.pdbx_method_to_determine_struct          'Rigid Body Refinement' 
_refine.pdbx_starting_model                      'PDB entry 2G6Q' 
_refine.pdbx_ls_cross_valid_method               ? 
_refine.pdbx_R_Free_selection_details            RANDOM 
_refine.pdbx_stereochem_target_val_spec_case     ? 
_refine.pdbx_stereochemistry_target_values       ? 
_refine.solvent_model_details                    ? 
_refine.solvent_model_param_bsol                 ? 
_refine.solvent_model_param_ksol                 ? 
_refine.occupancy_max                            ? 
_refine.occupancy_min                            ? 
_refine.pdbx_isotropic_thermal_model             ? 
_refine.B_iso_mean                               ? 
_refine.aniso_B[1][1]                            ? 
_refine.aniso_B[1][2]                            ? 
_refine.aniso_B[1][3]                            ? 
_refine.aniso_B[2][2]                            ? 
_refine.aniso_B[2][3]                            ? 
_refine.aniso_B[3][3]                            ? 
_refine.details                                  ? 
_refine.B_iso_min                                ? 
_refine.B_iso_max                                ? 
_refine.correlation_coeff_Fo_to_Fc               ? 
_refine.correlation_coeff_Fo_to_Fc_free          ? 
_refine.pdbx_solvent_vdw_probe_radii             ? 
_refine.pdbx_solvent_ion_probe_radii             ? 
_refine.pdbx_solvent_shrinkage_radii             ? 
_refine.overall_SU_R_Cruickshank_DPI             ? 
_refine.overall_SU_R_free                        ? 
_refine.overall_SU_ML                            ? 
_refine.overall_SU_B                             ? 
_refine.pdbx_overall_ESU_R_Free                  ? 
_refine.pdbx_data_cutoff_high_rms_absF           ? 
_refine.pdbx_overall_ESU_R                       ? 
_refine.ls_wR_factor_R_free                      ? 
_refine.ls_wR_factor_R_work                      ? 
_refine.overall_FOM_free_R_set                   ? 
_refine.overall_FOM_work_R_set                   ? 
_refine.pdbx_overall_phase_error                 ? 
_refine.pdbx_refine_id                           'X-RAY DIFFRACTION' 
_refine.pdbx_diffrn_id                           1 
_refine.pdbx_TLS_residual_ADP_flag               ? 
_refine.pdbx_overall_SU_R_free_Cruickshank_DPI   ? 
_refine.pdbx_overall_SU_R_Blow_DPI               ? 
_refine.pdbx_overall_SU_R_free_Blow_DPI          ? 
# 
_refine_hist.pdbx_refine_id                   'X-RAY DIFFRACTION' 
_refine_hist.cycle_id                         LAST 
_refine_hist.pdbx_number_atoms_protein        477 
_refine_hist.pdbx_number_atoms_nucleic_acid   0 
_refine_hist.pdbx_number_atoms_ligand         2 
_refine_hist.number_atoms_solvent             41 
_refine_hist.number_atoms_total               520 
_refine_hist.d_res_high                       2.1 
_refine_hist.d_res_low                        25 
# 
loop_
_refine_ls_restr.type 
_refine_ls_restr.dev_ideal 
_refine_ls_restr.dev_ideal_target 
_refine_ls_restr.weight 
_refine_ls_restr.number 
_refine_ls_restr.pdbx_refine_id 
_refine_ls_restr.pdbx_restraint_function 
c_bond_d    0.006 ? ? ? 'X-RAY DIFFRACTION' ? 
c_angle_deg 1.091 ? ? ? 'X-RAY DIFFRACTION' ? 
# 
_refine_ls_shell.pdbx_total_number_of_bins_used   ? 
_refine_ls_shell.d_res_high                       2.1 
_refine_ls_shell.d_res_low                        2.18 
_refine_ls_shell.number_reflns_R_work             ? 
_refine_ls_shell.R_factor_R_work                  0.281 
_refine_ls_shell.percent_reflns_obs               100 
_refine_ls_shell.R_factor_R_free                  0.330 
_refine_ls_shell.R_factor_R_free_error            ? 
_refine_ls_shell.percent_reflns_R_free            ? 
_refine_ls_shell.number_reflns_R_free             62 
_refine_ls_shell.number_reflns_all                ? 
_refine_ls_shell.R_factor_all                     ? 
_refine_ls_shell.number_reflns_obs                448 
_refine_ls_shell.redundancy_reflns_obs            ? 
_refine_ls_shell.pdbx_refine_id                   'X-RAY DIFFRACTION' 
# 
_struct.entry_id                  2QIC 
_struct.title                     'Crystal Structure of the ING1 PHD Finger in complex with a Histone H3K4ME3 peptide' 
_struct.pdbx_model_details        ? 
_struct.pdbx_CASP_flag            ? 
_struct.pdbx_model_type_details   ? 
# 
_struct_keywords.entry_id        2QIC 
_struct_keywords.pdbx_keywords   'ANTITUMOR PROTEIN, APOPTOSIS' 
_struct_keywords.text            'PHD, ING1, HISTONE, H3K4ME3, CHROMATIN, ANTITUMOR PROTEIN, APOPTOSIS' 
# 
loop_
_struct_asym.id 
_struct_asym.pdbx_blank_PDB_chainid_flag 
_struct_asym.pdbx_modified 
_struct_asym.entity_id 
_struct_asym.details 
A N N 1 ? 
B N N 2 ? 
C N N 3 ? 
D N N 3 ? 
E N N 4 ? 
F N N 4 ? 
# 
_struct_biol.id        1 
_struct_biol.details   ? 
# 
loop_
_struct_conf.conf_type_id 
_struct_conf.id 
_struct_conf.pdbx_PDB_helix_id 
_struct_conf.beg_label_comp_id 
_struct_conf.beg_label_asym_id 
_struct_conf.beg_label_seq_id 
_struct_conf.pdbx_beg_PDB_ins_code 
_struct_conf.end_label_comp_id 
_struct_conf.end_label_asym_id 
_struct_conf.end_label_seq_id 
_struct_conf.pdbx_end_PDB_ins_code 
_struct_conf.beg_auth_comp_id 
_struct_conf.beg_auth_asym_id 
_struct_conf.beg_auth_seq_id 
_struct_conf.end_auth_comp_id 
_struct_conf.end_auth_asym_id 
_struct_conf.end_auth_seq_id 
_struct_conf.pdbx_PDB_helix_class 
_struct_conf.details 
_struct_conf.pdbx_PDB_helix_length 
HELX_P HELX_P1 1 SER A 40 ? GLY A 43 ? SER A 239 GLY A 242 5 ? 4 
HELX_P HELX_P2 2 CYS A 54 ? GLY A 59 ? CYS A 253 GLY A 258 1 ? 6 
# 
_struct_conf_type.id          HELX_P 
_struct_conf_type.criteria    ? 
_struct_conf_type.reference   ? 
# 
loop_
_struct_conn.id 
_struct_conn.conn_type_id 
_struct_conn.pdbx_leaving_atom_flag 
_struct_conn.pdbx_PDB_id 
_struct_conn.ptnr1_label_asym_id 
_struct_conn.ptnr1_label_comp_id 
_struct_conn.ptnr1_label_seq_id 
_struct_conn.ptnr1_label_atom_id 
_struct_conn.pdbx_ptnr1_label_alt_id 
_struct_conn.pdbx_ptnr1_PDB_ins_code 
_struct_conn.pdbx_ptnr1_standard_comp_id 
_struct_conn.ptnr1_symmetry 
_struct_conn.ptnr2_label_asym_id 
_struct_conn.ptnr2_label_comp_id 
_struct_conn.ptnr2_label_seq_id 
_struct_conn.ptnr2_label_atom_id 
_struct_conn.pdbx_ptnr2_label_alt_id 
_struct_conn.pdbx_ptnr2_PDB_ins_code 
_struct_conn.ptnr1_auth_asym_id 
_struct_conn.ptnr1_auth_comp_id 
_struct_conn.ptnr1_auth_seq_id 
_struct_conn.ptnr2_auth_asym_id 
_struct_conn.ptnr2_auth_comp_id 
_struct_conn.ptnr2_auth_seq_id 
_struct_conn.ptnr2_symmetry 
_struct_conn.pdbx_ptnr3_label_atom_id 
_struct_conn.pdbx_ptnr3_label_seq_id 
_struct_conn.pdbx_ptnr3_label_comp_id 
_struct_conn.pdbx_ptnr3_label_asym_id 
_struct_conn.pdbx_ptnr3_label_alt_id 
_struct_conn.pdbx_ptnr3_PDB_ins_code 
_struct_conn.details 
_struct_conn.pdbx_dist_value 
_struct_conn.pdbx_value_order 
_struct_conn.pdbx_role 
covale1 covale both ? B THR 3  C   ? ? ? 1_555 B M3L 4 N  ? ? B THR 3   B M3L 4   1_555 ? ? ? ? ? ? ? 1.328 ? ? 
covale2 covale both ? B M3L 4  C   ? ? ? 1_555 B GLN 5 N  ? ? B M3L 4   B GLN 5   1_555 ? ? ? ? ? ? ? 1.328 ? ? 
metalc1 metalc ?    ? A CYS 14 SG  ? ? ? 1_555 C ZN  . ZN ? ? A CYS 213 A ZN  300 1_555 ? ? ? ? ? ? ? 2.434 ? ? 
metalc2 metalc ?    ? A CYS 16 SG  ? ? ? 1_555 C ZN  . ZN ? ? A CYS 215 A ZN  300 1_555 ? ? ? ? ? ? ? 2.349 ? ? 
metalc3 metalc ?    ? A CYS 27 SG  ? ? ? 1_555 D ZN  . ZN ? ? A CYS 226 A ZN  400 1_555 ? ? ? ? ? ? ? 2.360 ? ? 
metalc4 metalc ?    ? A CYS 32 SG  ? ? ? 1_555 D ZN  . ZN ? ? A CYS 231 A ZN  400 1_555 ? ? ? ? ? ? ? 2.418 ? ? 
metalc5 metalc ?    ? A HIS 38 ND1 ? ? ? 1_555 C ZN  . ZN ? ? A HIS 237 A ZN  300 1_555 ? ? ? ? ? ? ? 2.188 ? ? 
metalc6 metalc ?    ? A CYS 41 SG  ? ? ? 1_555 C ZN  . ZN ? ? A CYS 240 A ZN  300 1_555 ? ? ? ? ? ? ? 2.250 ? ? 
metalc7 metalc ?    ? A CYS 54 SG  ? ? ? 1_555 D ZN  . ZN ? ? A CYS 253 A ZN  400 1_555 ? ? ? ? ? ? ? 2.394 ? ? 
metalc8 metalc ?    ? A CYS 57 SG  ? ? ? 1_555 D ZN  . ZN ? ? A CYS 256 A ZN  400 1_555 ? ? ? ? ? ? ? 2.448 ? ? 
# 
loop_
_struct_conn_type.id 
_struct_conn_type.criteria 
_struct_conn_type.reference 
covale ? ? 
metalc ? ? 
# 
loop_
_struct_sheet.id 
_struct_sheet.type 
_struct_sheet.number_strands 
_struct_sheet.details 
A ? 2 ? 
B ? 3 ? 
# 
loop_
_struct_sheet_order.sheet_id 
_struct_sheet_order.range_id_1 
_struct_sheet_order.range_id_2 
_struct_sheet_order.offset 
_struct_sheet_order.sense 
A 1 2 ? anti-parallel 
B 1 2 ? anti-parallel 
B 2 3 ? anti-parallel 
# 
loop_
_struct_sheet_range.sheet_id 
_struct_sheet_range.id 
_struct_sheet_range.beg_label_comp_id 
_struct_sheet_range.beg_label_asym_id 
_struct_sheet_range.beg_label_seq_id 
_struct_sheet_range.pdbx_beg_PDB_ins_code 
_struct_sheet_range.end_label_comp_id 
_struct_sheet_range.end_label_asym_id 
_struct_sheet_range.end_label_seq_id 
_struct_sheet_range.pdbx_end_PDB_ins_code 
_struct_sheet_range.beg_auth_comp_id 
_struct_sheet_range.beg_auth_asym_id 
_struct_sheet_range.beg_auth_seq_id 
_struct_sheet_range.end_auth_comp_id 
_struct_sheet_range.end_auth_asym_id 
_struct_sheet_range.end_auth_seq_id 
A 1 THR A 12 ? TYR A 13 ? THR A 211 TYR A 212 
A 2 GLN A 18 ? VAL A 19 ? GLN A 217 VAL A 218 
B 1 TRP A 36 ? HIS A 38 ? TRP A 235 HIS A 237 
B 2 GLU A 23 ? GLY A 26 ? GLU A 222 GLY A 225 
B 3 ARG B 2  ? GLN B 5  ? ARG B 2   GLN B 5   
# 
loop_
_pdbx_struct_sheet_hbond.sheet_id 
_pdbx_struct_sheet_hbond.range_id_1 
_pdbx_struct_sheet_hbond.range_id_2 
_pdbx_struct_sheet_hbond.range_1_label_atom_id 
_pdbx_struct_sheet_hbond.range_1_label_comp_id 
_pdbx_struct_sheet_hbond.range_1_label_asym_id 
_pdbx_struct_sheet_hbond.range_1_label_seq_id 
_pdbx_struct_sheet_hbond.range_1_PDB_ins_code 
_pdbx_struct_sheet_hbond.range_1_auth_atom_id 
_pdbx_struct_sheet_hbond.range_1_auth_comp_id 
_pdbx_struct_sheet_hbond.range_1_auth_asym_id 
_pdbx_struct_sheet_hbond.range_1_auth_seq_id 
_pdbx_struct_sheet_hbond.range_2_label_atom_id 
_pdbx_struct_sheet_hbond.range_2_label_comp_id 
_pdbx_struct_sheet_hbond.range_2_label_asym_id 
_pdbx_struct_sheet_hbond.range_2_label_seq_id 
_pdbx_struct_sheet_hbond.range_2_PDB_ins_code 
_pdbx_struct_sheet_hbond.range_2_auth_atom_id 
_pdbx_struct_sheet_hbond.range_2_auth_comp_id 
_pdbx_struct_sheet_hbond.range_2_auth_asym_id 
_pdbx_struct_sheet_hbond.range_2_auth_seq_id 
A 1 2 N TYR A 13 ? N TYR A 212 O GLN A 18 ? O GLN A 217 
B 1 2 O PHE A 37 ? O PHE A 236 N ILE A 25 ? N ILE A 224 
B 2 3 N GLY A 26 ? N GLY A 225 O ARG B 2  ? O ARG B 2   
# 
loop_
_struct_site.id 
_struct_site.pdbx_evidence_code 
_struct_site.pdbx_auth_asym_id 
_struct_site.pdbx_auth_comp_id 
_struct_site.pdbx_auth_seq_id 
_struct_site.pdbx_auth_ins_code 
_struct_site.pdbx_num_residues 
_struct_site.details 
AC1 Software A ZN 300 ? 4 'BINDING SITE FOR RESIDUE ZN A 300' 
AC2 Software A ZN 400 ? 4 'BINDING SITE FOR RESIDUE ZN A 400' 
# 
loop_
_struct_site_gen.id 
_struct_site_gen.site_id 
_struct_site_gen.pdbx_num_res 
_struct_site_gen.label_comp_id 
_struct_site_gen.label_asym_id 
_struct_site_gen.label_seq_id 
_struct_site_gen.pdbx_auth_ins_code 
_struct_site_gen.auth_comp_id 
_struct_site_gen.auth_asym_id 
_struct_site_gen.auth_seq_id 
_struct_site_gen.label_atom_id 
_struct_site_gen.label_alt_id 
_struct_site_gen.symmetry 
_struct_site_gen.details 
1 AC1 4 CYS A 14 ? CYS A 213 . ? 1_555 ? 
2 AC1 4 CYS A 16 ? CYS A 215 . ? 1_555 ? 
3 AC1 4 HIS A 38 ? HIS A 237 . ? 1_555 ? 
4 AC1 4 CYS A 41 ? CYS A 240 . ? 1_555 ? 
5 AC2 4 CYS A 27 ? CYS A 226 . ? 1_555 ? 
6 AC2 4 CYS A 32 ? CYS A 231 . ? 1_555 ? 
7 AC2 4 CYS A 54 ? CYS A 253 . ? 1_555 ? 
8 AC2 4 CYS A 57 ? CYS A 256 . ? 1_555 ? 
# 
_atom_sites.entry_id                    2QIC 
_atom_sites.fract_transf_matrix[1][1]   0.02179940 
_atom_sites.fract_transf_matrix[1][2]   0.00378219 
_atom_sites.fract_transf_matrix[1][3]   -0.00802705 
_atom_sites.fract_transf_matrix[2][1]   0.00604407 
_atom_sites.fract_transf_matrix[2][2]   0.02126704 
_atom_sites.fract_transf_matrix[2][3]   -0.00807004 
_atom_sites.fract_transf_matrix[3][1]   0.00555340 
_atom_sites.fract_transf_matrix[3][2]   0.00504701 
_atom_sites.fract_transf_matrix[3][3]   0.01745965 
_atom_sites.fract_transf_vector[1]      0.491345 
_atom_sites.fract_transf_vector[2]      0.888358 
_atom_sites.fract_transf_vector[3]      0.316314 
# 
loop_
_atom_type.symbol 
C  
N  
O  
S  
ZN 
# 
loop_
_atom_site.group_PDB 
_atom_site.id 
_atom_site.type_symbol 
_atom_site.label_atom_id 
_atom_site.label_alt_id 
_atom_site.label_comp_id 
_atom_site.label_asym_id 
_atom_site.label_entity_id 
_atom_site.label_seq_id 
_atom_site.pdbx_PDB_ins_code 
_atom_site.Cartn_x 
_atom_site.Cartn_y 
_atom_site.Cartn_z 
_atom_site.occupancy 
_atom_site.B_iso_or_equiv 
_atom_site.pdbx_formal_charge 
_atom_site.auth_seq_id 
_atom_site.auth_comp_id 
_atom_site.auth_asym_id 
_atom_site.auth_atom_id 
_atom_site.pdbx_PDB_model_num 
ATOM   1   N  N   . GLU A 1 10 ? 10.560  -8.543  -9.874  1.00 58.74  ? 209 GLU A N   1 
ATOM   2   C  CA  . GLU A 1 10 ? 11.552  -7.461  -10.148 1.00 59.67  ? 209 GLU A CA  1 
ATOM   3   C  C   . GLU A 1 10 ? 11.164  -6.133  -9.486  1.00 56.58  ? 209 GLU A C   1 
ATOM   4   O  O   . GLU A 1 10 ? 11.932  -5.577  -8.705  1.00 57.65  ? 209 GLU A O   1 
ATOM   5   C  CB  . GLU A 1 10 ? 11.715  -7.248  -11.660 1.00 90.62  ? 209 GLU A CB  1 
ATOM   6   C  CG  . GLU A 1 10 ? 12.432  -8.371  -12.397 1.00 96.77  ? 209 GLU A CG  1 
ATOM   7   C  CD  . GLU A 1 10 ? 13.903  -8.470  -12.035 1.00 100.00 ? 209 GLU A CD  1 
ATOM   8   O  OE1 . GLU A 1 10 ? 14.629  -7.467  -12.202 1.00 103.09 ? 209 GLU A OE1 1 
ATOM   9   O  OE2 . GLU A 1 10 ? 14.335  -9.552  -11.585 1.00 102.45 ? 209 GLU A OE2 1 
ATOM   10  N  N   . PRO A 1 11 ? 9.967   -5.604  -9.793  1.00 52.22  ? 210 PRO A N   1 
ATOM   11  C  CA  . PRO A 1 11 ? 9.582   -4.334  -9.170  1.00 49.71  ? 210 PRO A CA  1 
ATOM   12  C  C   . PRO A 1 11 ? 9.382   -4.444  -7.656  1.00 47.99  ? 210 PRO A C   1 
ATOM   13  O  O   . PRO A 1 11 ? 8.943   -5.474  -7.149  1.00 47.65  ? 210 PRO A O   1 
ATOM   14  C  CB  . PRO A 1 11 ? 8.300   -3.961  -9.913  1.00 60.04  ? 210 PRO A CB  1 
ATOM   15  C  CG  . PRO A 1 11 ? 7.708   -5.291  -10.234 1.00 60.62  ? 210 PRO A CG  1 
ATOM   16  C  CD  . PRO A 1 11 ? 8.904   -6.090  -10.691 1.00 61.25  ? 210 PRO A CD  1 
ATOM   17  N  N   . THR A 1 12 ? 9.726   -3.373  -6.950  1.00 51.36  ? 211 THR A N   1 
ATOM   18  C  CA  . THR A 1 12 ? 9.598   -3.314  -5.495  1.00 50.20  ? 211 THR A CA  1 
ATOM   19  C  C   . THR A 1 12 ? 8.625   -2.192  -5.157  1.00 49.24  ? 211 THR A C   1 
ATOM   20  O  O   . THR A 1 12 ? 8.397   -1.295  -5.971  1.00 48.90  ? 211 THR A O   1 
ATOM   21  C  CB  . THR A 1 12 ? 10.945  -3.009  -4.834  1.00 47.44  ? 211 THR A CB  1 
ATOM   22  O  OG1 . THR A 1 12 ? 11.543  -1.881  -5.485  1.00 48.69  ? 211 THR A OG1 1 
ATOM   23  C  CG2 . THR A 1 12 ? 11.873  -4.210  -4.937  1.00 47.77  ? 211 THR A CG2 1 
ATOM   24  N  N   . TYR A 1 13 ? 8.063   -2.236  -3.952  1.00 43.33  ? 212 TYR A N   1 
ATOM   25  C  CA  . TYR A 1 13 ? 7.094   -1.222  -3.543  1.00 41.01  ? 212 TYR A CA  1 
ATOM   26  C  C   . TYR A 1 13 ? 7.201   -0.972  -2.043  1.00 41.14  ? 212 TYR A C   1 
ATOM   27  O  O   . TYR A 1 13 ? 8.136   -1.416  -1.370  1.00 39.38  ? 212 TYR A O   1 
ATOM   28  C  CB  . TYR A 1 13 ? 5.665   -1.703  -3.842  1.00 41.32  ? 212 TYR A CB  1 
ATOM   29  C  CG  . TYR A 1 13 ? 5.420   -2.164  -5.262  1.00 40.62  ? 212 TYR A CG  1 
ATOM   30  C  CD1 . TYR A 1 13 ? 5.787   -3.449  -5.680  1.00 41.99  ? 212 TYR A CD1 1 
ATOM   31  C  CD2 . TYR A 1 13 ? 4.822   -1.316  -6.196  1.00 40.21  ? 212 TYR A CD2 1 
ATOM   32  C  CE1 . TYR A 1 13 ? 5.561   -3.876  -6.997  1.00 40.35  ? 212 TYR A CE1 1 
ATOM   33  C  CE2 . TYR A 1 13 ? 4.595   -1.731  -7.510  1.00 40.68  ? 212 TYR A CE2 1 
ATOM   34  C  CZ  . TYR A 1 13 ? 4.963   -3.007  -7.904  1.00 41.60  ? 212 TYR A CZ  1 
ATOM   35  O  OH  . TYR A 1 13 ? 4.725   -3.416  -9.200  1.00 41.53  ? 212 TYR A OH  1 
ATOM   36  N  N   . CYS A 1 14 ? 6.215   -0.238  -1.541  1.00 40.93  ? 213 CYS A N   1 
ATOM   37  C  CA  . CYS A 1 14 ? 6.082   0.060   -0.118  1.00 41.85  ? 213 CYS A CA  1 
ATOM   38  C  C   . CYS A 1 14 ? 7.258   0.881   0.406   1.00 42.29  ? 213 CYS A C   1 
ATOM   39  O  O   . CYS A 1 14 ? 8.185   1.225   -0.326  1.00 42.91  ? 213 CYS A O   1 
ATOM   40  C  CB  . CYS A 1 14 ? 5.959   -1.253  0.664   1.00 43.32  ? 213 CYS A CB  1 
ATOM   41  S  SG  . CYS A 1 14 ? 5.294   -1.075  2.321   1.00 36.47  ? 213 CYS A SG  1 
ATOM   42  N  N   . LEU A 1 15 ? 7.196   1.192   1.694   1.00 43.54  ? 214 LEU A N   1 
ATOM   43  C  CA  . LEU A 1 15 ? 8.233   1.973   2.344   1.00 45.99  ? 214 LEU A CA  1 
ATOM   44  C  C   . LEU A 1 15 ? 9.410   1.056   2.699   1.00 46.42  ? 214 LEU A C   1 
ATOM   45  O  O   . LEU A 1 15 ? 10.439  1.522   3.175   1.00 47.43  ? 214 LEU A O   1 
ATOM   46  C  CB  . LEU A 1 15 ? 7.663   2.646   3.599   1.00 53.82  ? 214 LEU A CB  1 
ATOM   47  C  CG  . LEU A 1 15 ? 6.858   1.782   4.575   1.00 55.87  ? 214 LEU A CG  1 
ATOM   48  C  CD1 . LEU A 1 15 ? 7.795   0.947   5.426   1.00 56.58  ? 214 LEU A CD1 1 
ATOM   49  C  CD2 . LEU A 1 15 ? 6.008   2.675   5.462   1.00 55.71  ? 214 LEU A CD2 1 
ATOM   50  N  N   . CYS A 1 16 ? 9.261   -0.240  2.440   1.00 47.94  ? 215 CYS A N   1 
ATOM   51  C  CA  . CYS A 1 16 ? 10.325  -1.205  2.756   1.00 48.02  ? 215 CYS A CA  1 
ATOM   52  C  C   . CYS A 1 16 ? 11.122  -1.535  1.487   1.00 50.80  ? 215 CYS A C   1 
ATOM   53  O  O   . CYS A 1 16 ? 12.194  -2.131  1.556   1.00 49.57  ? 215 CYS A O   1 
ATOM   54  C  CB  . CYS A 1 16 ? 9.716   -2.486  3.335   1.00 48.14  ? 215 CYS A CB  1 
ATOM   55  S  SG  . CYS A 1 16 ? 8.599   -3.342  2.194   1.00 41.77  ? 215 CYS A SG  1 
ATOM   56  N  N   . ASN A 1 17 ? 10.587  -1.145  0.334   1.00 49.16  ? 216 ASN A N   1 
ATOM   57  C  CA  . ASN A 1 17 ? 11.237  -1.394  -0.959  1.00 51.98  ? 216 ASN A CA  1 
ATOM   58  C  C   . ASN A 1 17 ? 11.412  -2.892  -1.191  1.00 50.36  ? 216 ASN A C   1 
ATOM   59  O  O   . ASN A 1 17 ? 12.441  -3.338  -1.689  1.00 51.40  ? 216 ASN A O   1 
ATOM   60  C  CB  . ASN A 1 17 ? 12.594  -0.688  -1.025  1.00 87.49  ? 216 ASN A CB  1 
ATOM   61  C  CG  . ASN A 1 17 ? 12.460  0.821   -1.058  1.00 91.83  ? 216 ASN A CG  1 
ATOM   62  O  OD1 . ASN A 1 17 ? 11.916  1.427   -0.138  1.00 96.03  ? 216 ASN A OD1 1 
ATOM   63  N  ND2 . ASN A 1 17 ? 12.953  1.434   -2.127  1.00 95.85  ? 216 ASN A ND2 1 
ATOM   64  N  N   . GLN A 1 18 ? 10.394  -3.666  -0.834  1.00 47.65  ? 217 GLN A N   1 
ATOM   65  C  CA  . GLN A 1 18 ? 10.435  -5.113  -1.030  1.00 46.70  ? 217 GLN A CA  1 
ATOM   66  C  C   . GLN A 1 18 ? 9.486   -5.456  -2.173  1.00 45.02  ? 217 GLN A C   1 
ATOM   67  O  O   . GLN A 1 18 ? 8.634   -4.646  -2.550  1.00 42.62  ? 217 GLN A O   1 
ATOM   68  C  CB  . GLN A 1 18 ? 9.989   -5.842  0.238   1.00 52.34  ? 217 GLN A CB  1 
ATOM   69  C  CG  . GLN A 1 18 ? 10.963  -5.732  1.396   1.00 52.50  ? 217 GLN A CG  1 
ATOM   70  C  CD  . GLN A 1 18 ? 12.327  -6.301  1.057   1.00 52.36  ? 217 GLN A CD  1 
ATOM   71  O  OE1 . GLN A 1 18 ? 12.442  -7.448  0.615   1.00 51.53  ? 217 GLN A OE1 1 
ATOM   72  N  NE2 . GLN A 1 18 ? 13.371  -5.503  1.262   1.00 52.79  ? 217 GLN A NE2 1 
ATOM   73  N  N   . VAL A 1 19 ? 9.643   -6.655  -2.726  1.00 37.83  ? 218 VAL A N   1 
ATOM   74  C  CA  . VAL A 1 19 ? 8.790   -7.117  -3.814  1.00 37.61  ? 218 VAL A CA  1 
ATOM   75  C  C   . VAL A 1 19 ? 7.362   -7.232  -3.266  1.00 35.94  ? 218 VAL A C   1 
ATOM   76  O  O   . VAL A 1 19 ? 7.145   -7.217  -2.052  1.00 34.86  ? 218 VAL A O   1 
ATOM   77  C  CB  . VAL A 1 19 ? 9.274   -8.491  -4.349  1.00 43.13  ? 218 VAL A CB  1 
ATOM   78  C  CG1 . VAL A 1 19 ? 8.302   -9.038  -5.377  1.00 44.25  ? 218 VAL A CG1 1 
ATOM   79  C  CG2 . VAL A 1 19 ? 10.654  -8.335  -4.988  1.00 43.93  ? 218 VAL A CG2 1 
ATOM   80  N  N   . SER A 1 20 ? 6.399   -7.341  -4.171  1.00 45.78  ? 219 SER A N   1 
ATOM   81  C  CA  . SER A 1 20 ? 4.995   -7.446  -3.806  1.00 43.50  ? 219 SER A CA  1 
ATOM   82  C  C   . SER A 1 20 ? 4.714   -8.826  -3.190  1.00 43.17  ? 219 SER A C   1 
ATOM   83  O  O   . SER A 1 20 ? 5.175   -9.848  -3.693  1.00 43.10  ? 219 SER A O   1 
ATOM   84  C  CB  . SER A 1 20 ? 4.131   -7.251  -5.053  1.00 40.49  ? 219 SER A CB  1 
ATOM   85  O  OG  . SER A 1 20 ? 2.771   -7.497  -4.772  1.00 40.62  ? 219 SER A OG  1 
ATOM   86  N  N   . TYR A 1 21 ? 3.958   -8.843  -2.098  1.00 41.44  ? 220 TYR A N   1 
ATOM   87  C  CA  . TYR A 1 21 ? 3.594   -10.099 -1.446  1.00 40.74  ? 220 TYR A CA  1 
ATOM   88  C  C   . TYR A 1 21 ? 2.311   -9.861  -0.661  1.00 38.95  ? 220 TYR A C   1 
ATOM   89  O  O   . TYR A 1 21 ? 2.056   -8.750  -0.200  1.00 38.03  ? 220 TYR A O   1 
ATOM   90  C  CB  . TYR A 1 21 ? 4.725   -10.589 -0.530  1.00 40.99  ? 220 TYR A CB  1 
ATOM   91  C  CG  . TYR A 1 21 ? 5.039   -9.710  0.660   1.00 40.33  ? 220 TYR A CG  1 
ATOM   92  C  CD1 . TYR A 1 21 ? 4.163   -9.624  1.748   1.00 39.60  ? 220 TYR A CD1 1 
ATOM   93  C  CD2 . TYR A 1 21 ? 6.241   -9.011  0.729   1.00 40.11  ? 220 TYR A CD2 1 
ATOM   94  C  CE1 . TYR A 1 21 ? 4.484   -8.868  2.875   1.00 36.66  ? 220 TYR A CE1 1 
ATOM   95  C  CE2 . TYR A 1 21 ? 6.574   -8.254  1.849   1.00 38.07  ? 220 TYR A CE2 1 
ATOM   96  C  CZ  . TYR A 1 21 ? 5.694   -8.189  2.915   1.00 38.05  ? 220 TYR A CZ  1 
ATOM   97  O  OH  . TYR A 1 21 ? 6.033   -7.449  4.018   1.00 38.39  ? 220 TYR A OH  1 
ATOM   98  N  N   . GLY A 1 22 ? 1.491   -10.897 -0.534  1.00 33.33  ? 221 GLY A N   1 
ATOM   99  C  CA  . GLY A 1 22 ? 0.241   -10.759 0.193   1.00 34.12  ? 221 GLY A CA  1 
ATOM   100 C  C   . GLY A 1 22 ? -0.688  -9.713  -0.403  1.00 33.44  ? 221 GLY A C   1 
ATOM   101 O  O   . GLY A 1 22 ? -0.692  -9.476  -1.630  1.00 33.92  ? 221 GLY A O   1 
ATOM   102 N  N   . GLU A 1 23 ? -1.483  -9.079  0.452   1.00 35.73  ? 222 GLU A N   1 
ATOM   103 C  CA  . GLU A 1 23 ? -2.406  -8.059  -0.020  1.00 36.51  ? 222 GLU A CA  1 
ATOM   104 C  C   . GLU A 1 23 ? -1.703  -6.701  0.047   1.00 34.04  ? 222 GLU A C   1 
ATOM   105 O  O   . GLU A 1 23 ? -1.064  -6.361  1.050   1.00 32.88  ? 222 GLU A O   1 
ATOM   106 C  CB  . GLU A 1 23 ? -3.687  -8.061  0.820   1.00 73.41  ? 222 GLU A CB  1 
ATOM   107 C  CG  . GLU A 1 23 ? -4.858  -7.388  0.122   1.00 82.29  ? 222 GLU A CG  1 
ATOM   108 C  CD  . GLU A 1 23 ? -6.204  -7.934  0.566   1.00 86.61  ? 222 GLU A CD  1 
ATOM   109 O  OE1 . GLU A 1 23 ? -6.402  -9.165  0.478   1.00 91.93  ? 222 GLU A OE1 1 
ATOM   110 O  OE2 . GLU A 1 23 ? -7.066  -7.135  0.991   1.00 92.36  ? 222 GLU A OE2 1 
ATOM   111 N  N   . MET A 1 24 ? -1.804  -5.949  -1.044  1.00 33.81  ? 223 MET A N   1 
ATOM   112 C  CA  . MET A 1 24 ? -1.184  -4.616  -1.155  1.00 33.57  ? 223 MET A CA  1 
ATOM   113 C  C   . MET A 1 24 ? -2.310  -3.574  -1.169  1.00 31.47  ? 223 MET A C   1 
ATOM   114 O  O   . MET A 1 24 ? -3.366  -3.823  -1.725  1.00 30.62  ? 223 MET A O   1 
ATOM   115 C  CB  . MET A 1 24 ? -0.406  -4.504  -2.469  1.00 32.20  ? 223 MET A CB  1 
ATOM   116 C  CG  . MET A 1 24 ? 0.591   -5.622  -2.732  1.00 35.66  ? 223 MET A CG  1 
ATOM   117 S  SD  . MET A 1 24 ? 1.997   -5.543  -1.631  1.00 38.53  ? 223 MET A SD  1 
ATOM   118 C  CE  . MET A 1 24 ? 2.875   -4.094  -2.311  1.00 34.00  ? 223 MET A CE  1 
ATOM   119 N  N   . ILE A 1 25 ? -2.080  -2.415  -0.562  1.00 29.39  ? 224 ILE A N   1 
ATOM   120 C  CA  . ILE A 1 25 ? -3.093  -1.348  -0.553  1.00 28.11  ? 224 ILE A CA  1 
ATOM   121 C  C   . ILE A 1 25 ? -2.470  -0.131  -1.266  1.00 28.11  ? 224 ILE A C   1 
ATOM   122 O  O   . ILE A 1 25 ? -1.274  0.151   -1.100  1.00 27.83  ? 224 ILE A O   1 
ATOM   123 C  CB  . ILE A 1 25 ? -3.528  -1.003  0.909   1.00 36.77  ? 224 ILE A CB  1 
ATOM   124 C  CG1 . ILE A 1 25 ? -4.669  0.021   0.891   1.00 35.90  ? 224 ILE A CG1 1 
ATOM   125 C  CG2 . ILE A 1 25 ? -2.336  -0.513  1.716   1.00 35.84  ? 224 ILE A CG2 1 
ATOM   126 C  CD1 . ILE A 1 25 ? -5.335  0.217   2.249   1.00 38.42  ? 224 ILE A CD1 1 
ATOM   127 N  N   . GLY A 1 26 ? -3.268  0.556   -2.082  1.00 29.20  ? 225 GLY A N   1 
ATOM   128 C  CA  . GLY A 1 26 ? -2.762  1.698   -2.825  1.00 29.38  ? 225 GLY A CA  1 
ATOM   129 C  C   . GLY A 1 26 ? -3.196  3.056   -2.305  1.00 28.72  ? 225 GLY A C   1 
ATOM   130 O  O   . GLY A 1 26 ? -4.391  3.315   -2.131  1.00 30.44  ? 225 GLY A O   1 
ATOM   131 N  N   . CYS A 1 27 ? -2.221  3.935   -2.076  1.00 26.47  ? 226 CYS A N   1 
ATOM   132 C  CA  . CYS A 1 27 ? -2.504  5.276   -1.558  1.00 27.80  ? 226 CYS A CA  1 
ATOM   133 C  C   . CYS A 1 27 ? -3.434  6.012   -2.534  1.00 29.65  ? 226 CYS A C   1 
ATOM   134 O  O   . CYS A 1 27 ? -3.216  6.010   -3.757  1.00 29.34  ? 226 CYS A O   1 
ATOM   135 C  CB  . CYS A 1 27 ? -1.200  6.049   -1.363  1.00 29.17  ? 226 CYS A CB  1 
ATOM   136 S  SG  . CYS A 1 27 ? -1.443  7.713   -0.665  1.00 30.15  ? 226 CYS A SG  1 
ATOM   137 N  N   . ASP A 1 28 ? -4.459  6.657   -1.992  1.00 35.61  ? 227 ASP A N   1 
ATOM   138 C  CA  . ASP A 1 28 ? -5.422  7.347   -2.836  1.00 36.77  ? 227 ASP A CA  1 
ATOM   139 C  C   . ASP A 1 28 ? -4.948  8.728   -3.305  1.00 37.22  ? 227 ASP A C   1 
ATOM   140 O  O   . ASP A 1 28 ? -5.725  9.489   -3.884  1.00 38.26  ? 227 ASP A O   1 
ATOM   141 C  CB  . ASP A 1 28 ? -6.773  7.394   -2.134  1.00 38.20  ? 227 ASP A CB  1 
ATOM   142 C  CG  . ASP A 1 28 ? -7.542  6.106   -2.325  1.00 36.68  ? 227 ASP A CG  1 
ATOM   143 O  OD1 . ASP A 1 28 ? -8.274  5.686   -1.413  1.00 42.05  ? 227 ASP A OD1 1 
ATOM   144 O  OD2 . ASP A 1 28 ? -7.403  5.516   -3.419  1.00 38.38  ? 227 ASP A OD2 1 
ATOM   145 N  N   . ASN A 1 29 ? -3.684  9.051   -3.055  1.00 32.31  ? 228 ASN A N   1 
ATOM   146 C  CA  . ASN A 1 29 ? -3.107  10.300  -3.570  1.00 30.47  ? 228 ASN A CA  1 
ATOM   147 C  C   . ASN A 1 29 ? -2.498  9.854   -4.903  1.00 30.82  ? 228 ASN A C   1 
ATOM   148 O  O   . ASN A 1 29 ? -1.523  9.119   -4.916  1.00 32.16  ? 228 ASN A O   1 
ATOM   149 C  CB  . ASN A 1 29 ? -2.010  10.829  -2.646  1.00 30.19  ? 228 ASN A CB  1 
ATOM   150 C  CG  . ASN A 1 29 ? -1.253  12.013  -3.247  1.00 30.92  ? 228 ASN A CG  1 
ATOM   151 O  OD1 . ASN A 1 29 ? -1.642  12.566  -4.277  1.00 31.57  ? 228 ASN A OD1 1 
ATOM   152 N  ND2 . ASN A 1 29 ? -0.163  12.405  -2.593  1.00 30.62  ? 228 ASN A ND2 1 
ATOM   153 N  N   . ASP A 1 30 ? -3.090  10.272  -6.018  1.00 30.79  ? 229 ASP A N   1 
ATOM   154 C  CA  . ASP A 1 30 ? -2.617  9.843   -7.343  1.00 31.69  ? 229 ASP A CA  1 
ATOM   155 C  C   . ASP A 1 30 ? -1.152  10.200  -7.556  1.00 32.36  ? 229 ASP A C   1 
ATOM   156 O  O   . ASP A 1 30 ? -0.498  9.613   -8.404  1.00 31.10  ? 229 ASP A O   1 
ATOM   157 C  CB  . ASP A 1 30 ? -3.458  10.473  -8.459  1.00 38.15  ? 229 ASP A CB  1 
ATOM   158 C  CG  . ASP A 1 30 ? -4.935  10.168  -8.324  1.00 40.99  ? 229 ASP A CG  1 
ATOM   159 O  OD1 . ASP A 1 30 ? -5.288  9.104   -7.778  1.00 43.77  ? 229 ASP A OD1 1 
ATOM   160 O  OD2 . ASP A 1 30 ? -5.751  10.992  -8.785  1.00 46.32  ? 229 ASP A OD2 1 
ATOM   161 N  N   . GLU A 1 31 ? -0.639  11.148  -6.778  1.00 25.82  ? 230 GLU A N   1 
ATOM   162 C  CA  . GLU A 1 31 ? 0.751   11.596  -6.908  1.00 30.21  ? 230 GLU A CA  1 
ATOM   163 C  C   . GLU A 1 31 ? 1.656   10.874  -5.918  1.00 29.89  ? 230 GLU A C   1 
ATOM   164 O  O   . GLU A 1 31 ? 2.840   11.189  -5.828  1.00 33.36  ? 230 GLU A O   1 
ATOM   165 C  CB  . GLU A 1 31 ? 0.844   13.098  -6.650  1.00 49.84  ? 230 GLU A CB  1 
ATOM   166 C  CG  . GLU A 1 31 ? 0.362   13.945  -7.795  1.00 62.38  ? 230 GLU A CG  1 
ATOM   167 C  CD  . GLU A 1 31 ? 1.307   13.876  -8.971  1.00 68.76  ? 230 GLU A CD  1 
ATOM   168 O  OE1 . GLU A 1 31 ? 2.510   14.148  -8.764  1.00 72.82  ? 230 GLU A OE1 1 
ATOM   169 O  OE2 . GLU A 1 31 ? 0.857   13.559  -10.093 1.00 73.96  ? 230 GLU A OE2 1 
ATOM   170 N  N   . CYS A 1 32 ? 1.120   9.919   -5.169  1.00 31.78  ? 231 CYS A N   1 
ATOM   171 C  CA  . CYS A 1 32 ? 1.972   9.210   -4.206  1.00 30.51  ? 231 CYS A CA  1 
ATOM   172 C  C   . CYS A 1 32 ? 3.122   8.530   -4.968  1.00 30.41  ? 231 CYS A C   1 
ATOM   173 O  O   . CYS A 1 32 ? 2.897   7.779   -5.902  1.00 31.24  ? 231 CYS A O   1 
ATOM   174 C  CB  . CYS A 1 32 ? 1.179   8.152   -3.446  1.00 31.30  ? 231 CYS A CB  1 
ATOM   175 S  SG  . CYS A 1 32 ? 2.192   7.325   -2.198  1.00 30.65  ? 231 CYS A SG  1 
ATOM   176 N  N   . PRO A 1 33 ? 4.369   8.802   -4.567  1.00 37.66  ? 232 PRO A N   1 
ATOM   177 C  CA  . PRO A 1 33 ? 5.546   8.216   -5.214  1.00 37.71  ? 232 PRO A CA  1 
ATOM   178 C  C   . PRO A 1 33 ? 5.613   6.687   -5.067  1.00 37.74  ? 232 PRO A C   1 
ATOM   179 O  O   . PRO A 1 33 ? 6.005   5.983   -5.994  1.00 39.93  ? 232 PRO A O   1 
ATOM   180 C  CB  . PRO A 1 33 ? 6.713   8.893   -4.493  1.00 46.03  ? 232 PRO A CB  1 
ATOM   181 C  CG  . PRO A 1 33 ? 6.122   10.176  -3.987  1.00 46.40  ? 232 PRO A CG  1 
ATOM   182 C  CD  . PRO A 1 33 ? 4.769   9.749   -3.515  1.00 44.78  ? 232 PRO A CD  1 
ATOM   183 N  N   . ILE A 1 34 ? 5.215   6.192   -3.899  1.00 33.32  ? 233 ILE A N   1 
ATOM   184 C  CA  . ILE A 1 34 ? 5.263   4.752   -3.601  1.00 32.16  ? 233 ILE A CA  1 
ATOM   185 C  C   . ILE A 1 34 ? 3.986   4.049   -4.073  1.00 28.65  ? 233 ILE A C   1 
ATOM   186 O  O   . ILE A 1 34 ? 4.052   3.013   -4.718  1.00 28.82  ? 233 ILE A O   1 
ATOM   187 C  CB  . ILE A 1 34 ? 5.445   4.536   -2.090  1.00 31.82  ? 233 ILE A CB  1 
ATOM   188 C  CG1 . ILE A 1 34 ? 6.737   5.217   -1.634  1.00 35.46  ? 233 ILE A CG1 1 
ATOM   189 C  CG2 . ILE A 1 34 ? 5.459   3.057   -1.773  1.00 30.64  ? 233 ILE A CG2 1 
ATOM   190 C  CD1 . ILE A 1 34 ? 6.972   5.171   -0.139  1.00 39.47  ? 233 ILE A CD1 1 
ATOM   191 N  N   . GLU A 1 35 ? 2.841   4.616   -3.714  1.00 28.35  ? 234 GLU A N   1 
ATOM   192 C  CA  . GLU A 1 35 ? 1.511   4.108   -4.068  1.00 26.98  ? 234 GLU A CA  1 
ATOM   193 C  C   . GLU A 1 35 ? 1.119   2.802   -3.358  1.00 25.54  ? 234 GLU A C   1 
ATOM   194 O  O   . GLU A 1 35 ? 0.127   2.779   -2.633  1.00 27.79  ? 234 GLU A O   1 
ATOM   195 C  CB  . GLU A 1 35 ? 1.350   3.888   -5.586  1.00 28.90  ? 234 GLU A CB  1 
ATOM   196 C  CG  . GLU A 1 35 ? -0.017  3.252   -5.890  1.00 29.71  ? 234 GLU A CG  1 
ATOM   197 C  CD  . GLU A 1 35 ? -0.347  3.111   -7.367  1.00 28.72  ? 234 GLU A CD  1 
ATOM   198 O  OE1 . GLU A 1 35 ? 0.589   3.103   -8.203  1.00 30.11  ? 234 GLU A OE1 1 
ATOM   199 O  OE2 . GLU A 1 35 ? -1.556  2.989   -7.685  1.00 30.37  ? 234 GLU A OE2 1 
ATOM   200 N  N   . TRP A 1 36 ? 1.866   1.718   -3.578  1.00 26.97  ? 235 TRP A N   1 
ATOM   201 C  CA  . TRP A 1 36 ? 1.496   0.408   -2.994  1.00 26.39  ? 235 TRP A CA  1 
ATOM   202 C  C   . TRP A 1 36 ? 2.316   0.038   -1.765  1.00 27.06  ? 235 TRP A C   1 
ATOM   203 O  O   . TRP A 1 36 ? 3.547   0.120   -1.760  1.00 29.08  ? 235 TRP A O   1 
ATOM   204 C  CB  . TRP A 1 36 ? 1.643   -0.696  -4.038  1.00 27.20  ? 235 TRP A CB  1 
ATOM   205 C  CG  . TRP A 1 36 ? 0.723   -0.532  -5.192  1.00 25.37  ? 235 TRP A CG  1 
ATOM   206 C  CD1 . TRP A 1 36 ? 1.029   -0.015  -6.416  1.00 27.98  ? 235 TRP A CD1 1 
ATOM   207 C  CD2 . TRP A 1 36 ? -0.667  -0.869  -5.230  1.00 27.65  ? 235 TRP A CD2 1 
ATOM   208 N  NE1 . TRP A 1 36 ? -0.087  -0.010  -7.218  1.00 27.04  ? 235 TRP A NE1 1 
ATOM   209 C  CE2 . TRP A 1 36 ? -1.141  -0.529  -6.514  1.00 27.07  ? 235 TRP A CE2 1 
ATOM   210 C  CE3 . TRP A 1 36 ? -1.557  -1.429  -4.304  1.00 26.49  ? 235 TRP A CE3 1 
ATOM   211 C  CZ2 . TRP A 1 36 ? -2.474  -0.729  -6.898  1.00 24.74  ? 235 TRP A CZ2 1 
ATOM   212 C  CZ3 . TRP A 1 36 ? -2.881  -1.629  -4.685  1.00 28.43  ? 235 TRP A CZ3 1 
ATOM   213 C  CH2 . TRP A 1 36 ? -3.325  -1.278  -5.971  1.00 30.65  ? 235 TRP A CH2 1 
ATOM   214 N  N   . PHE A 1 37 ? 1.608   -0.435  -0.744  1.00 30.84  ? 236 PHE A N   1 
ATOM   215 C  CA  . PHE A 1 37 ? 2.223   -0.816  0.517   1.00 32.69  ? 236 PHE A CA  1 
ATOM   216 C  C   . PHE A 1 37 ? 1.720   -2.204  0.935   1.00 31.78  ? 236 PHE A C   1 
ATOM   217 O  O   . PHE A 1 37 ? 0.564   -2.555  0.695   1.00 32.89  ? 236 PHE A O   1 
ATOM   218 C  CB  . PHE A 1 37 ? 1.836   0.197   1.603   1.00 30.83  ? 236 PHE A CB  1 
ATOM   219 C  CG  . PHE A 1 37 ? 2.324   1.597   1.334   1.00 31.51  ? 236 PHE A CG  1 
ATOM   220 C  CD1 . PHE A 1 37 ? 1.745   2.375   0.332   1.00 30.08  ? 236 PHE A CD1 1 
ATOM   221 C  CD2 . PHE A 1 37 ? 3.390   2.118   2.053   1.00 31.77  ? 236 PHE A CD2 1 
ATOM   222 C  CE1 . PHE A 1 37 ? 2.231   3.657   0.047   1.00 31.49  ? 236 PHE A CE1 1 
ATOM   223 C  CE2 . PHE A 1 37 ? 3.886   3.396   1.780   1.00 33.46  ? 236 PHE A CE2 1 
ATOM   224 C  CZ  . PHE A 1 37 ? 3.304   4.166   0.773   1.00 31.28  ? 236 PHE A CZ  1 
ATOM   225 N  N   . HIS A 1 38 ? 2.591   -2.996  1.554   1.00 30.98  ? 237 HIS A N   1 
ATOM   226 C  CA  . HIS A 1 38 ? 2.148   -4.301  2.046   1.00 30.66  ? 237 HIS A CA  1 
ATOM   227 C  C   . HIS A 1 38 ? 1.255   -3.985  3.238   1.00 32.04  ? 237 HIS A C   1 
ATOM   228 O  O   . HIS A 1 38 ? 1.550   -3.054  3.993   1.00 31.51  ? 237 HIS A O   1 
ATOM   229 C  CB  . HIS A 1 38 ? 3.327   -5.151  2.509   1.00 30.00  ? 237 HIS A CB  1 
ATOM   230 C  CG  . HIS A 1 38 ? 4.375   -5.339  1.461   1.00 30.76  ? 237 HIS A CG  1 
ATOM   231 N  ND1 . HIS A 1 38 ? 5.507   -4.556  1.398   1.00 30.97  ? 237 HIS A ND1 1 
ATOM   232 C  CD2 . HIS A 1 38 ? 4.428   -6.166  0.392   1.00 31.91  ? 237 HIS A CD2 1 
ATOM   233 C  CE1 . HIS A 1 38 ? 6.211   -4.889  0.329   1.00 28.53  ? 237 HIS A CE1 1 
ATOM   234 N  NE2 . HIS A 1 38 ? 5.577   -5.864  -0.299  1.00 31.18  ? 237 HIS A NE2 1 
ATOM   235 N  N   . PHE A 1 39 ? 0.170   -4.740  3.396   1.00 34.54  ? 238 PHE A N   1 
ATOM   236 C  CA  . PHE A 1 39 ? -0.777  -4.528  4.504   1.00 35.05  ? 238 PHE A CA  1 
ATOM   237 C  C   . PHE A 1 39 ? -0.011  -4.439  5.825   1.00 35.61  ? 238 PHE A C   1 
ATOM   238 O  O   . PHE A 1 39 ? -0.253  -3.545  6.638   1.00 36.88  ? 238 PHE A O   1 
ATOM   239 C  CB  . PHE A 1 39 ? -1.763  -5.694  4.624   1.00 34.44  ? 238 PHE A CB  1 
ATOM   240 C  CG  . PHE A 1 39 ? -3.073  -5.478  3.912   1.00 33.54  ? 238 PHE A CG  1 
ATOM   241 C  CD1 . PHE A 1 39 ? -4.213  -6.158  4.333   1.00 34.42  ? 238 PHE A CD1 1 
ATOM   242 C  CD2 . PHE A 1 39 ? -3.166  -4.619  2.814   1.00 33.82  ? 238 PHE A CD2 1 
ATOM   243 C  CE1 . PHE A 1 39 ? -5.426  -5.987  3.679   1.00 36.08  ? 238 PHE A CE1 1 
ATOM   244 C  CE2 . PHE A 1 39 ? -4.366  -4.440  2.154   1.00 35.70  ? 238 PHE A CE2 1 
ATOM   245 C  CZ  . PHE A 1 39 ? -5.505  -5.123  2.583   1.00 36.72  ? 238 PHE A CZ  1 
ATOM   246 N  N   . SER A 1 40 ? 0.902   -5.386  6.011   1.00 38.65  ? 239 SER A N   1 
ATOM   247 C  CA  . SER A 1 40 ? 1.705   -5.512  7.225   1.00 39.89  ? 239 SER A CA  1 
ATOM   248 C  C   . SER A 1 40 ? 2.520   -4.251  7.527   1.00 39.22  ? 239 SER A C   1 
ATOM   249 O  O   . SER A 1 40 ? 2.575   -3.815  8.672   1.00 41.10  ? 239 SER A O   1 
ATOM   250 C  CB  . SER A 1 40 ? 2.641   -6.714  7.101   1.00 54.55  ? 239 SER A CB  1 
ATOM   251 O  OG  . SER A 1 40 ? 3.417   -6.864  8.271   1.00 60.90  ? 239 SER A OG  1 
ATOM   252 N  N   . CYS A 1 41 ? 3.147   -3.665  6.516   1.00 36.95  ? 240 CYS A N   1 
ATOM   253 C  CA  . CYS A 1 41 ? 3.981   -2.470  6.737   1.00 36.85  ? 240 CYS A CA  1 
ATOM   254 C  C   . CYS A 1 41 ? 3.158   -1.241  7.149   1.00 37.47  ? 240 CYS A C   1 
ATOM   255 O  O   . CYS A 1 41 ? 3.714   -0.282  7.682   1.00 39.29  ? 240 CYS A O   1 
ATOM   256 C  CB  . CYS A 1 41 ? 4.788   -2.159  5.484   1.00 35.70  ? 240 CYS A CB  1 
ATOM   257 S  SG  . CYS A 1 41 ? 5.906   -3.499  5.065   1.00 39.44  ? 240 CYS A SG  1 
ATOM   258 N  N   . VAL A 1 42 ? 1.851   -1.248  6.905   1.00 37.50  ? 241 VAL A N   1 
ATOM   259 C  CA  . VAL A 1 42 ? 1.046   -0.085  7.302   1.00 37.83  ? 241 VAL A CA  1 
ATOM   260 C  C   . VAL A 1 42 ? 0.036   -0.479  8.383   1.00 38.49  ? 241 VAL A C   1 
ATOM   261 O  O   . VAL A 1 42 ? -0.976  0.205   8.586   1.00 39.54  ? 241 VAL A O   1 
ATOM   262 C  CB  . VAL A 1 42 ? 0.323   0.549   6.095   1.00 31.87  ? 241 VAL A CB  1 
ATOM   263 C  CG1 . VAL A 1 42 ? 1.349   1.149   5.144   1.00 33.40  ? 241 VAL A CG1 1 
ATOM   264 C  CG2 . VAL A 1 42 ? -0.536  -0.482  5.379   1.00 31.50  ? 241 VAL A CG2 1 
ATOM   265 N  N   . GLY A 1 43 ? 0.322   -1.581  9.072   1.00 39.22  ? 242 GLY A N   1 
ATOM   266 C  CA  . GLY A 1 43 ? -0.537  -2.046  10.150  1.00 41.90  ? 242 GLY A CA  1 
ATOM   267 C  C   . GLY A 1 43 ? -1.968  -2.404  9.800   1.00 42.36  ? 242 GLY A C   1 
ATOM   268 O  O   . GLY A 1 43 ? -2.889  -2.071  10.539  1.00 42.45  ? 242 GLY A O   1 
ATOM   269 N  N   . LEU A 1 44 ? -2.164  -3.101  8.690   1.00 40.05  ? 243 LEU A N   1 
ATOM   270 C  CA  . LEU A 1 44 ? -3.515  -3.493  8.279   1.00 41.32  ? 243 LEU A CA  1 
ATOM   271 C  C   . LEU A 1 44 ? -3.592  -5.012  8.203   1.00 43.70  ? 243 LEU A C   1 
ATOM   272 O  O   . LEU A 1 44 ? -2.577  -5.686  8.015   1.00 43.12  ? 243 LEU A O   1 
ATOM   273 C  CB  . LEU A 1 44 ? -3.847  -2.890  6.910   1.00 45.88  ? 243 LEU A CB  1 
ATOM   274 C  CG  . LEU A 1 44 ? -3.973  -1.364  6.884   1.00 45.69  ? 243 LEU A CG  1 
ATOM   275 C  CD1 . LEU A 1 44 ? -4.146  -0.878  5.452   1.00 45.06  ? 243 LEU A CD1 1 
ATOM   276 C  CD2 . LEU A 1 44 ? -5.165  -0.947  7.741   1.00 45.71  ? 243 LEU A CD2 1 
ATOM   277 N  N   . ASN A 1 45 ? -4.798  -5.544  8.361   1.00 46.09  ? 244 ASN A N   1 
ATOM   278 C  CA  . ASN A 1 45 ? -5.015  -6.988  8.283   1.00 50.31  ? 244 ASN A CA  1 
ATOM   279 C  C   . ASN A 1 45 ? -6.233  -7.223  7.395   1.00 50.56  ? 244 ASN A C   1 
ATOM   280 O  O   . ASN A 1 45 ? -6.496  -8.346  6.972   1.00 52.57  ? 244 ASN A O   1 
ATOM   281 C  CB  . ASN A 1 45 ? -5.255  -7.579  9.677   1.00 73.83  ? 244 ASN A CB  1 
ATOM   282 C  CG  . ASN A 1 45 ? -6.551  -7.103  10.299  1.00 77.03  ? 244 ASN A CG  1 
ATOM   283 O  OD1 . ASN A 1 45 ? -6.811  -5.904  10.382  1.00 82.63  ? 244 ASN A OD1 1 
ATOM   284 N  ND2 . ASN A 1 45 ? -7.370  -8.045  10.749  1.00 80.59  ? 244 ASN A ND2 1 
ATOM   285 N  N   . HIS A 1 46 ? -6.970  -6.147  7.120   1.00 49.26  ? 245 HIS A N   1 
ATOM   286 C  CA  . HIS A 1 46 ? -8.162  -6.219  6.272   1.00 50.19  ? 245 HIS A CA  1 
ATOM   287 C  C   . HIS A 1 46 ? -8.290  -4.906  5.484   1.00 49.16  ? 245 HIS A C   1 
ATOM   288 O  O   . HIS A 1 46 ? -7.849  -3.846  5.927   1.00 48.34  ? 245 HIS A O   1 
ATOM   289 C  CB  . HIS A 1 46 ? -9.421  -6.450  7.120   1.00 104.23 ? 245 HIS A CB  1 
ATOM   290 C  CG  . HIS A 1 46 ? -9.894  -5.235  7.859   1.00 108.47 ? 245 HIS A CG  1 
ATOM   291 N  ND1 . HIS A 1 46 ? -9.103  -4.552  8.756   1.00 111.12 ? 245 HIS A ND1 1 
ATOM   292 C  CD2 . HIS A 1 46 ? -11.085 -4.589  7.837   1.00 110.88 ? 245 HIS A CD2 1 
ATOM   293 C  CE1 . HIS A 1 46 ? -9.785  -3.536  9.257   1.00 114.02 ? 245 HIS A CE1 1 
ATOM   294 N  NE2 . HIS A 1 46 ? -10.990 -3.537  8.717   1.00 114.23 ? 245 HIS A NE2 1 
ATOM   295 N  N   . LYS A 1 47 ? -8.896  -4.996  4.308   1.00 47.33  ? 246 LYS A N   1 
ATOM   296 C  CA  . LYS A 1 47 ? -9.097  -3.832  3.449   1.00 46.98  ? 246 LYS A CA  1 
ATOM   297 C  C   . LYS A 1 47 ? -10.028 -2.850  4.169   1.00 45.85  ? 246 LYS A C   1 
ATOM   298 O  O   . LYS A 1 47 ? -11.130 -3.212  4.567   1.00 46.91  ? 246 LYS A O   1 
ATOM   299 C  CB  . LYS A 1 47 ? -9.716  -4.289  2.127   1.00 57.83  ? 246 LYS A CB  1 
ATOM   300 C  CG  . LYS A 1 47 ? -10.231 -3.188  1.220   1.00 60.08  ? 246 LYS A CG  1 
ATOM   301 C  CD  . LYS A 1 47 ? -10.868 -3.809  -0.013  1.00 61.82  ? 246 LYS A CD  1 
ATOM   302 C  CE  . LYS A 1 47 ? -11.484 -2.768  -0.919  1.00 65.13  ? 246 LYS A CE  1 
ATOM   303 N  NZ  . LYS A 1 47 ? -12.120 -3.407  -2.103  1.00 67.41  ? 246 LYS A NZ  1 
ATOM   304 N  N   . PRO A 1 48 ? -9.577  -1.599  4.370   1.00 46.37  ? 247 PRO A N   1 
ATOM   305 C  CA  . PRO A 1 48 ? -10.403 -0.595  5.042   1.00 46.99  ? 247 PRO A CA  1 
ATOM   306 C  C   . PRO A 1 48 ? -11.366 0.016   4.027   1.00 47.50  ? 247 PRO A C   1 
ATOM   307 O  O   . PRO A 1 48 ? -11.046 0.117   2.850   1.00 48.38  ? 247 PRO A O   1 
ATOM   308 C  CB  . PRO A 1 48 ? -9.373  0.409   5.544   1.00 54.88  ? 247 PRO A CB  1 
ATOM   309 C  CG  . PRO A 1 48 ? -8.363  0.396   4.445   1.00 52.78  ? 247 PRO A CG  1 
ATOM   310 C  CD  . PRO A 1 48 ? -8.212  -1.085  4.145   1.00 53.51  ? 247 PRO A CD  1 
ATOM   311 N  N   . LYS A 1 49 ? -12.549 0.412   4.478   1.00 50.23  ? 248 LYS A N   1 
ATOM   312 C  CA  . LYS A 1 49 ? -13.531 1.001   3.575   1.00 51.30  ? 248 LYS A CA  1 
ATOM   313 C  C   . LYS A 1 49 ? -13.177 2.474   3.355   1.00 49.85  ? 248 LYS A C   1 
ATOM   314 O  O   . LYS A 1 49 ? -12.550 3.102   4.200   1.00 49.84  ? 248 LYS A O   1 
ATOM   315 C  CB  . LYS A 1 49 ? -14.936 0.872   4.168   1.00 83.22  ? 248 LYS A CB  1 
ATOM   316 C  CG  . LYS A 1 49 ? -15.074 1.426   5.577   1.00 86.77  ? 248 LYS A CG  1 
ATOM   317 C  CD  . LYS A 1 49 ? -16.472 1.191   6.127   1.00 91.72  ? 248 LYS A CD  1 
ATOM   318 C  CE  . LYS A 1 49 ? -16.606 1.712   7.550   1.00 95.40  ? 248 LYS A CE  1 
ATOM   319 N  NZ  . LYS A 1 49 ? -17.970 1.477   8.104   1.00 97.01  ? 248 LYS A NZ  1 
ATOM   320 N  N   . GLY A 1 50 ? -13.579 3.013   2.209   1.00 55.84  ? 249 GLY A N   1 
ATOM   321 C  CA  . GLY A 1 50 ? -13.294 4.404   1.915   1.00 54.52  ? 249 GLY A CA  1 
ATOM   322 C  C   . GLY A 1 50 ? -11.887 4.660   1.408   1.00 53.41  ? 249 GLY A C   1 
ATOM   323 O  O   . GLY A 1 50 ? -11.124 3.732   1.148   1.00 53.98  ? 249 GLY A O   1 
ATOM   324 N  N   . LYS A 1 51 ? -11.552 5.937   1.268   1.00 43.62  ? 250 LYS A N   1 
ATOM   325 C  CA  . LYS A 1 51 ? -10.241 6.362   0.789   1.00 41.82  ? 250 LYS A CA  1 
ATOM   326 C  C   . LYS A 1 51 ? -9.200  6.016   1.848   1.00 40.14  ? 250 LYS A C   1 
ATOM   327 O  O   . LYS A 1 51 ? -9.477  6.067   3.042   1.00 39.81  ? 250 LYS A O   1 
ATOM   328 C  CB  . LYS A 1 51 ? -10.229 7.877   0.559   1.00 48.28  ? 250 LYS A CB  1 
ATOM   329 C  CG  . LYS A 1 51 ? -11.156 8.380   -0.537  1.00 51.55  ? 250 LYS A CG  1 
ATOM   330 C  CD  . LYS A 1 51 ? -10.571 8.132   -1.917  1.00 55.37  ? 250 LYS A CD  1 
ATOM   331 C  CE  . LYS A 1 51 ? -11.330 8.905   -2.986  1.00 58.37  ? 250 LYS A CE  1 
ATOM   332 N  NZ  . LYS A 1 51 ? -10.674 8.802   -4.323  1.00 60.20  ? 250 LYS A NZ  1 
ATOM   333 N  N   . TRP A 1 52 ? -8.000  5.663   1.401   1.00 34.62  ? 251 TRP A N   1 
ATOM   334 C  CA  . TRP A 1 52 ? -6.909  5.336   2.319   1.00 31.89  ? 251 TRP A CA  1 
ATOM   335 C  C   . TRP A 1 52 ? -5.673  6.054   1.813   1.00 30.83  ? 251 TRP A C   1 
ATOM   336 O  O   . TRP A 1 52 ? -5.401  6.047   0.607   1.00 29.91  ? 251 TRP A O   1 
ATOM   337 C  CB  . TRP A 1 52 ? -6.629  3.827   2.340   1.00 37.38  ? 251 TRP A CB  1 
ATOM   338 C  CG  . TRP A 1 52 ? -5.457  3.460   3.213   1.00 37.09  ? 251 TRP A CG  1 
ATOM   339 C  CD1 . TRP A 1 52 ? -5.469  3.260   4.568   1.00 36.68  ? 251 TRP A CD1 1 
ATOM   340 C  CD2 . TRP A 1 52 ? -4.090  3.311   2.801   1.00 33.86  ? 251 TRP A CD2 1 
ATOM   341 N  NE1 . TRP A 1 52 ? -4.199  2.997   5.021   1.00 36.54  ? 251 TRP A NE1 1 
ATOM   342 C  CE2 . TRP A 1 52 ? -3.332  3.023   3.959   1.00 34.70  ? 251 TRP A CE2 1 
ATOM   343 C  CE3 . TRP A 1 52 ? -3.430  3.394   1.564   1.00 31.89  ? 251 TRP A CE3 1 
ATOM   344 C  CZ2 . TRP A 1 52 ? -1.947  2.819   3.919   1.00 34.70  ? 251 TRP A CZ2 1 
ATOM   345 C  CZ3 . TRP A 1 52 ? -2.043  3.186   1.525   1.00 29.59  ? 251 TRP A CZ3 1 
ATOM   346 C  CH2 . TRP A 1 52 ? -1.324  2.904   2.697   1.00 32.87  ? 251 TRP A CH2 1 
ATOM   347 N  N   . TYR A 1 53 ? -4.925  6.665   2.728   1.00 35.30  ? 252 TYR A N   1 
ATOM   348 C  CA  . TYR A 1 53 ? -3.698  7.381   2.365   1.00 34.31  ? 252 TYR A CA  1 
ATOM   349 C  C   . TYR A 1 53 ? -2.548  6.792   3.180   1.00 33.02  ? 252 TYR A C   1 
ATOM   350 O  O   . TYR A 1 53 ? -2.728  6.428   4.337   1.00 34.99  ? 252 TYR A O   1 
ATOM   351 C  CB  . TYR A 1 53 ? -3.846  8.886   2.645   1.00 34.07  ? 252 TYR A CB  1 
ATOM   352 C  CG  . TYR A 1 53 ? -5.038  9.496   1.944   1.00 33.56  ? 252 TYR A CG  1 
ATOM   353 C  CD1 . TYR A 1 53 ? -6.276  9.575   2.573   1.00 35.59  ? 252 TYR A CD1 1 
ATOM   354 C  CD2 . TYR A 1 53 ? -4.949  9.912   0.614   1.00 34.04  ? 252 TYR A CD2 1 
ATOM   355 C  CE1 . TYR A 1 53 ? -7.400  10.049  1.895   1.00 35.89  ? 252 TYR A CE1 1 
ATOM   356 C  CE2 . TYR A 1 53 ? -6.063  10.379  -0.073  1.00 33.53  ? 252 TYR A CE2 1 
ATOM   357 C  CZ  . TYR A 1 53 ? -7.289  10.442  0.574   1.00 35.94  ? 252 TYR A CZ  1 
ATOM   358 O  OH  . TYR A 1 53 ? -8.402  10.871  -0.110  1.00 37.22  ? 252 TYR A OH  1 
ATOM   359 N  N   . CYS A 1 54 ? -1.372  6.699   2.568   1.00 35.87  ? 253 CYS A N   1 
ATOM   360 C  CA  . CYS A 1 54 ? -0.209  6.138   3.243   1.00 35.57  ? 253 CYS A CA  1 
ATOM   361 C  C   . CYS A 1 54 ? 0.226   7.073   4.393   1.00 38.31  ? 253 CYS A C   1 
ATOM   362 O  O   . CYS A 1 54 ? -0.197  8.230   4.471   1.00 37.69  ? 253 CYS A O   1 
ATOM   363 C  CB  . CYS A 1 54 ? 0.941   5.936   2.250   1.00 33.24  ? 253 CYS A CB  1 
ATOM   364 S  SG  . CYS A 1 54 ? 1.825   7.435   1.750   1.00 32.06  ? 253 CYS A SG  1 
ATOM   365 N  N   . PRO A 1 55 ? 1.069   6.570   5.307   1.00 40.99  ? 254 PRO A N   1 
ATOM   366 C  CA  . PRO A 1 55 ? 1.541   7.370   6.441   1.00 43.49  ? 254 PRO A CA  1 
ATOM   367 C  C   . PRO A 1 55 ? 2.112   8.752   6.068   1.00 44.38  ? 254 PRO A C   1 
ATOM   368 O  O   . PRO A 1 55 ? 1.729   9.768   6.648   1.00 45.30  ? 254 PRO A O   1 
ATOM   369 C  CB  . PRO A 1 55 ? 2.593   6.464   7.080   1.00 38.91  ? 254 PRO A CB  1 
ATOM   370 C  CG  . PRO A 1 55 ? 2.025   5.104   6.852   1.00 38.41  ? 254 PRO A CG  1 
ATOM   371 C  CD  . PRO A 1 55 ? 1.565   5.185   5.403   1.00 37.34  ? 254 PRO A CD  1 
ATOM   372 N  N   . LYS A 1 56 ? 3.021   8.783   5.101   1.00 42.63  ? 255 LYS A N   1 
ATOM   373 C  CA  . LYS A 1 56 ? 3.643   10.044  4.689   1.00 44.90  ? 255 LYS A CA  1 
ATOM   374 C  C   . LYS A 1 56 ? 2.590   10.999  4.116   1.00 43.88  ? 255 LYS A C   1 
ATOM   375 O  O   . LYS A 1 56 ? 2.542   12.159  4.492   1.00 43.69  ? 255 LYS A O   1 
ATOM   376 C  CB  . LYS A 1 56 ? 4.734   9.795   3.650   1.00 61.04  ? 255 LYS A CB  1 
ATOM   377 C  CG  . LYS A 1 56 ? 5.497   11.056  3.271   1.00 65.87  ? 255 LYS A CG  1 
ATOM   378 C  CD  . LYS A 1 56 ? 6.697   10.745  2.395   1.00 69.25  ? 255 LYS A CD  1 
ATOM   379 C  CE  . LYS A 1 56 ? 7.487   12.007  2.080   1.00 72.24  ? 255 LYS A CE  1 
ATOM   380 N  NZ  . LYS A 1 56 ? 8.715   11.720  1.283   1.00 75.46  ? 255 LYS A NZ  1 
ATOM   381 N  N   . CYS A 1 57 ? 1.748   10.506  3.213   1.00 39.79  ? 256 CYS A N   1 
ATOM   382 C  CA  . CYS A 1 57 ? 0.722   11.351  2.602   1.00 39.22  ? 256 CYS A CA  1 
ATOM   383 C  C   . CYS A 1 57 ? -0.312  11.773  3.641   1.00 42.10  ? 256 CYS A C   1 
ATOM   384 O  O   . CYS A 1 57 ? -0.960  12.802  3.481   1.00 42.22  ? 256 CYS A O   1 
ATOM   385 C  CB  . CYS A 1 57 ? 0.040   10.622  1.440   1.00 37.33  ? 256 CYS A CB  1 
ATOM   386 S  SG  . CYS A 1 57 ? 1.057   10.529  -0.054  1.00 31.09  ? 256 CYS A SG  1 
ATOM   387 N  N   . ARG A 1 58 ? -0.477  10.987  4.702   1.00 44.77  ? 257 ARG A N   1 
ATOM   388 C  CA  . ARG A 1 58 ? -1.458  11.344  5.735   1.00 49.38  ? 257 ARG A CA  1 
ATOM   389 C  C   . ARG A 1 58 ? -0.784  12.288  6.727   1.00 50.96  ? 257 ARG A C   1 
ATOM   390 O  O   . ARG A 1 58 ? -1.437  12.853  7.594   1.00 50.76  ? 257 ARG A O   1 
ATOM   391 C  CB  . ARG A 1 58 ? -1.966  10.098  6.471   1.00 66.58  ? 257 ARG A CB  1 
ATOM   392 C  CG  . ARG A 1 58 ? -1.011  9.563   7.525   1.00 71.68  ? 257 ARG A CG  1 
ATOM   393 C  CD  . ARG A 1 58 ? -1.545  8.299   8.186   1.00 76.44  ? 257 ARG A CD  1 
ATOM   394 N  NE  . ARG A 1 58 ? -1.714  7.213   7.225   1.00 80.69  ? 257 ARG A NE  1 
ATOM   395 C  CZ  . ARG A 1 58 ? -2.048  5.970   7.552   1.00 83.60  ? 257 ARG A CZ  1 
ATOM   396 N  NH1 . ARG A 1 58 ? -2.252  5.649   8.822   1.00 85.42  ? 257 ARG A NH1 1 
ATOM   397 N  NH2 . ARG A 1 58 ? -2.178  5.047   6.608   1.00 85.13  ? 257 ARG A NH2 1 
ATOM   398 N  N   . GLY A 1 59 ? 0.527   12.452  6.588   1.00 61.00  ? 258 GLY A N   1 
ATOM   399 C  CA  . GLY A 1 59 ? 1.263   13.329  7.481   1.00 65.83  ? 258 GLY A CA  1 
ATOM   400 C  C   . GLY A 1 59 ? 1.694   12.638  8.762   1.00 69.07  ? 258 GLY A C   1 
ATOM   401 O  O   . GLY A 1 59 ? 1.377   13.094  9.862   1.00 68.79  ? 258 GLY A O   1 
ATOM   402 N  N   . GLU A 1 60 ? 2.421   11.536  8.618   1.00 80.04  ? 259 GLU A N   1 
ATOM   403 C  CA  . GLU A 1 60 ? 2.901   10.769  9.765   1.00 83.84  ? 259 GLU A CA  1 
ATOM   404 C  C   . GLU A 1 60 ? 4.320   11.225  10.088  1.00 86.25  ? 259 GLU A C   1 
ATOM   405 O  O   . GLU A 1 60 ? 4.567   11.628  11.245  1.00 89.67  ? 259 GLU A O   1 
ATOM   406 C  CB  . GLU A 1 60 ? 2.901   9.275   9.436   1.00 124.29 ? 259 GLU A CB  1 
ATOM   407 C  CG  . GLU A 1 60 ? 3.176   8.374   10.624  1.00 125.68 ? 259 GLU A CG  1 
ATOM   408 C  CD  . GLU A 1 60 ? 2.090   8.462   11.676  1.00 130.66 ? 259 GLU A CD  1 
ATOM   409 O  OE1 . GLU A 1 60 ? 0.916   8.200   11.337  1.00 134.03 ? 259 GLU A OE1 1 
ATOM   410 O  OE2 . GLU A 1 60 ? 2.410   8.792   12.839  1.00 134.10 ? 259 GLU A OE2 1 
ATOM   411 N  N   . ALA B 2 1  ? -11.213 1.224   -0.057  1.00 50.79  ? 1   ALA B N   1 
ATOM   412 C  CA  . ALA B 2 1  ? -9.812  1.477   -0.492  1.00 48.95  ? 1   ALA B CA  1 
ATOM   413 C  C   . ALA B 2 1  ? -9.474  0.616   -1.706  1.00 46.90  ? 1   ALA B C   1 
ATOM   414 O  O   . ALA B 2 1  ? -10.268 -0.228  -2.116  1.00 49.88  ? 1   ALA B O   1 
ATOM   415 C  CB  . ALA B 2 1  ? -8.848  1.169   0.655   1.00 37.05  ? 1   ALA B CB  1 
ATOM   416 N  N   . ARG B 2 2  ? -8.301  0.847   -2.286  1.00 35.71  ? 2   ARG B N   1 
ATOM   417 C  CA  . ARG B 2 2  ? -7.858  0.075   -3.448  1.00 36.03  ? 2   ARG B CA  1 
ATOM   418 C  C   . ARG B 2 2  ? -6.825  -0.940  -2.957  1.00 33.12  ? 2   ARG B C   1 
ATOM   419 O  O   . ARG B 2 2  ? -5.830  -0.570  -2.344  1.00 34.12  ? 2   ARG B O   1 
ATOM   420 C  CB  . ARG B 2 2  ? -7.215  0.989   -4.498  1.00 35.20  ? 2   ARG B CB  1 
ATOM   421 C  CG  . ARG B 2 2  ? -8.139  2.072   -5.064  1.00 34.57  ? 2   ARG B CG  1 
ATOM   422 C  CD  . ARG B 2 2  ? -7.428  2.899   -6.145  1.00 37.58  ? 2   ARG B CD  1 
ATOM   423 N  NE  . ARG B 2 2  ? -6.189  3.506   -5.658  1.00 34.98  ? 2   ARG B NE  1 
ATOM   424 C  CZ  . ARG B 2 2  ? -4.968  3.164   -6.063  1.00 35.44  ? 2   ARG B CZ  1 
ATOM   425 N  NH1 . ARG B 2 2  ? -4.803  2.215   -6.972  1.00 33.55  ? 2   ARG B NH1 1 
ATOM   426 N  NH2 . ARG B 2 2  ? -3.904  3.769   -5.553  1.00 33.88  ? 2   ARG B NH2 1 
ATOM   427 N  N   . THR B 2 3  ? -7.077  -2.218  -3.217  1.00 35.49  ? 3   THR B N   1 
ATOM   428 C  CA  . THR B 2 3  ? -6.151  -3.271  -2.810  1.00 35.30  ? 3   THR B CA  1 
ATOM   429 C  C   . THR B 2 3  ? -6.089  -4.301  -3.922  1.00 36.09  ? 3   THR B C   1 
ATOM   430 O  O   . THR B 2 3  ? -6.999  -4.405  -4.739  1.00 36.17  ? 3   THR B O   1 
ATOM   431 C  CB  . THR B 2 3  ? -6.622  -3.999  -1.532  1.00 34.73  ? 3   THR B CB  1 
ATOM   432 O  OG1 . THR B 2 3  ? -7.862  -4.665  -1.793  1.00 36.65  ? 3   THR B OG1 1 
ATOM   433 C  CG2 . THR B 2 3  ? -6.807  -3.011  -0.391  1.00 35.29  ? 3   THR B CG2 1 
HETATM 434 N  N   . M3L B 2 4  ? -5.002  -5.066  -3.939  1.00 38.17  ? 4   M3L B N   1 
HETATM 435 C  CA  . M3L B 2 4  ? -4.830  -6.119  -4.923  1.00 39.42  ? 4   M3L B CA  1 
HETATM 436 C  CB  . M3L B 2 4  ? -4.162  -5.628  -6.221  1.00 33.76  ? 4   M3L B CB  1 
HETATM 437 C  CG  . M3L B 2 4  ? -2.681  -5.239  -6.084  1.00 43.47  ? 4   M3L B CG  1 
HETATM 438 C  CD  . M3L B 2 4  ? -2.067  -4.769  -7.409  1.00 38.25  ? 4   M3L B CD  1 
HETATM 439 C  CE  . M3L B 2 4  ? -0.651  -4.192  -7.240  1.00 39.39  ? 4   M3L B CE  1 
HETATM 440 N  NZ  . M3L B 2 4  ? 0.064   -3.911  -8.557  1.00 39.76  ? 4   M3L B NZ  1 
HETATM 441 C  C   . M3L B 2 4  ? -4.017  -7.237  -4.283  1.00 40.80  ? 4   M3L B C   1 
HETATM 442 O  O   . M3L B 2 4  ? -3.197  -6.991  -3.393  1.00 40.43  ? 4   M3L B O   1 
HETATM 443 C  CM1 . M3L B 2 4  ? -0.598  -2.799  -9.298  1.00 40.07  ? 4   M3L B CM1 1 
HETATM 444 C  CM2 . M3L B 2 4  ? 0.123   -5.019  -9.568  1.00 41.35  ? 4   M3L B CM2 1 
HETATM 445 C  CM3 . M3L B 2 4  ? 1.467   -3.484  -8.278  1.00 39.39  ? 4   M3L B CM3 1 
ATOM   446 N  N   . GLN B 2 5  ? -4.272  -8.462  -4.727  1.00 41.57  ? 5   GLN B N   1 
ATOM   447 C  CA  . GLN B 2 5  ? -3.567  -9.639  -4.219  1.00 45.57  ? 5   GLN B CA  1 
ATOM   448 C  C   . GLN B 2 5  ? -2.356  -9.863  -5.107  1.00 45.56  ? 5   GLN B C   1 
ATOM   449 O  O   . GLN B 2 5  ? -2.427  -9.690  -6.317  1.00 46.48  ? 5   GLN B O   1 
ATOM   450 C  CB  . GLN B 2 5  ? -4.475  -10.869 -4.278  1.00 92.30  ? 5   GLN B CB  1 
ATOM   451 C  CG  . GLN B 2 5  ? -5.573  -10.897 -3.233  1.00 100.05 ? 5   GLN B CG  1 
ATOM   452 C  CD  . GLN B 2 5  ? -5.042  -11.175 -1.838  1.00 104.18 ? 5   GLN B CD  1 
ATOM   453 O  OE1 . GLN B 2 5  ? -4.230  -10.421 -1.306  1.00 107.67 ? 5   GLN B OE1 1 
ATOM   454 N  NE2 . GLN B 2 5  ? -5.503  -12.268 -1.238  1.00 106.08 ? 5   GLN B NE2 1 
ATOM   455 N  N   . THR B 2 6  ? -1.237  -10.241 -4.508  1.00 44.19  ? 6   THR B N   1 
ATOM   456 C  CA  . THR B 2 6  ? -0.032  -10.492 -5.289  1.00 43.83  ? 6   THR B CA  1 
ATOM   457 C  C   . THR B 2 6  ? -0.318  -11.680 -6.223  1.00 46.38  ? 6   THR B C   1 
ATOM   458 O  O   . THR B 2 6  ? -0.937  -12.662 -5.813  1.00 45.67  ? 6   THR B O   1 
ATOM   459 C  CB  . THR B 2 6  ? 1.159   -10.816 -4.366  1.00 43.61  ? 6   THR B CB  1 
ATOM   460 O  OG1 . THR B 2 6  ? 1.469   -9.661  -3.576  1.00 39.57  ? 6   THR B OG1 1 
ATOM   461 C  CG2 . THR B 2 6  ? 2.380   -11.209 -5.177  1.00 41.37  ? 6   THR B CG2 1 
ATOM   462 N  N   . ALA B 2 7  ? 0.122   -11.573 -7.474  1.00 56.29  ? 7   ALA B N   1 
ATOM   463 C  CA  . ALA B 2 7  ? -0.081  -12.641 -8.468  1.00 61.44  ? 7   ALA B CA  1 
ATOM   464 C  C   . ALA B 2 7  ? 1.272   -12.950 -9.111  1.00 65.29  ? 7   ALA B C   1 
ATOM   465 O  O   . ALA B 2 7  ? 2.072   -12.044 -9.350  1.00 65.89  ? 7   ALA B O   1 
ATOM   466 C  CB  . ALA B 2 7  ? -1.080  -12.188 -9.531  1.00 65.02  ? 7   ALA B CB  1 
ATOM   467 N  N   . ARG B 2 8  ? 1.526   -14.224 -9.391  1.00 90.79  ? 8   ARG B N   1 
ATOM   468 C  CA  . ARG B 2 8  ? 2.799   -14.632 -9.994  1.00 96.87  ? 8   ARG B CA  1 
ATOM   469 C  C   . ARG B 2 8  ? 2.930   -13.982 -11.372 1.00 97.69  ? 8   ARG B C   1 
ATOM   470 O  O   . ARG B 2 8  ? 1.941   -13.373 -11.834 1.00 98.27  ? 8   ARG B O   1 
ATOM   471 C  CB  . ARG B 2 8  ? 2.861   -16.157 -10.130 1.00 105.63 ? 8   ARG B CB  1 
ATOM   472 C  CG  . ARG B 2 8  ? 2.164   -16.723 -11.362 1.00 114.47 ? 8   ARG B CG  1 
ATOM   473 C  CD  . ARG B 2 8  ? 0.697   -16.331 -11.433 1.00 123.27 ? 8   ARG B CD  1 
ATOM   474 N  NE  . ARG B 2 8  ? 0.057   -16.848 -12.641 1.00 131.45 ? 8   ARG B NE  1 
ATOM   475 C  CZ  . ARG B 2 8  ? 0.423   -16.531 -13.881 1.00 135.63 ? 8   ARG B CZ  1 
ATOM   476 N  NH1 . ARG B 2 8  ? 1.432   -15.695 -14.089 1.00 137.95 ? 8   ARG B NH1 1 
ATOM   477 N  NH2 . ARG B 2 8  ? -0.220  -17.055 -14.916 1.00 138.05 ? 8   ARG B NH2 1 
HETATM 478 ZN ZN  . ZN  C 3 .  ? 6.358   -3.192  2.882   1.00 35.39  ? 300 ZN  A ZN  1 
HETATM 479 ZN ZN  . ZN  D 3 .  ? 0.860   8.105   -0.337  1.00 36.25  ? 400 ZN  A ZN  1 
HETATM 480 O  O   . HOH E 4 .  ? -1.690  6.135   -6.019  1.00 38.17  ? 401 HOH A O   1 
HETATM 481 O  O   . HOH E 4 .  ? 1.054   -7.871  4.631   1.00 36.71  ? 402 HOH A O   1 
HETATM 482 O  O   . HOH E 4 .  ? -5.354  11.958  -5.845  1.00 38.57  ? 403 HOH A O   1 
HETATM 483 O  O   . HOH E 4 .  ? -6.889  3.036   -1.179  1.00 36.83  ? 404 HOH A O   1 
HETATM 484 O  O   . HOH E 4 .  ? 8.199   -5.998  3.873   1.00 38.35  ? 405 HOH A O   1 
HETATM 485 O  O   . HOH E 4 .  ? 1.247   -7.432  1.821   1.00 34.54  ? 406 HOH A O   1 
HETATM 486 O  O   . HOH E 4 .  ? 0.480   7.396   -7.331  1.00 36.75  ? 407 HOH A O   1 
HETATM 487 O  O   . HOH E 4 .  ? -8.412  10.556  -8.755  1.00 49.85  ? 408 HOH A O   1 
HETATM 488 O  O   . HOH E 4 .  ? 2.945   2.033   -8.368  1.00 46.43  ? 409 HOH A O   1 
HETATM 489 O  O   . HOH E 4 .  ? 1.005   14.941  -2.792  1.00 41.63  ? 410 HOH A O   1 
HETATM 490 O  O   . HOH E 4 .  ? 5.836   -5.469  7.783   1.00 42.79  ? 411 HOH A O   1 
HETATM 491 O  O   . HOH E 4 .  ? -5.979  6.849   5.492   1.00 46.32  ? 412 HOH A O   1 
HETATM 492 O  O   . HOH E 4 .  ? 6.783   -7.186  -7.316  1.00 53.72  ? 413 HOH A O   1 
HETATM 493 O  O   . HOH E 4 .  ? 8.526   1.867   -3.091  1.00 45.72  ? 414 HOH A O   1 
HETATM 494 O  O   . HOH E 4 .  ? -7.448  6.880   -5.893  1.00 46.17  ? 415 HOH A O   1 
HETATM 495 O  O   . HOH E 4 .  ? 7.806   0.088   -8.515  1.00 55.28  ? 416 HOH A O   1 
HETATM 496 O  O   . HOH E 4 .  ? 6.491   1.632   -5.298  1.00 42.10  ? 417 HOH A O   1 
HETATM 497 O  O   . HOH E 4 .  ? 11.106  0.328   -3.893  1.00 52.34  ? 418 HOH A O   1 
HETATM 498 O  O   . HOH E 4 .  ? 10.694  -1.206  -8.664  1.00 54.18  ? 419 HOH A O   1 
HETATM 499 O  O   . HOH E 4 .  ? -10.458 4.265   -2.487  1.00 46.77  ? 420 HOH A O   1 
HETATM 500 O  O   . HOH E 4 .  ? 2.228   14.740  3.878   1.00 47.25  ? 421 HOH A O   1 
HETATM 501 O  O   . HOH E 4 .  ? 7.779   6.940   -8.073  1.00 49.58  ? 422 HOH A O   1 
HETATM 502 O  O   . HOH E 4 .  ? -1.974  -1.110  13.481  1.00 59.17  ? 423 HOH A O   1 
HETATM 503 O  O   . HOH E 4 .  ? -2.763  2.249   7.378   1.00 50.41  ? 424 HOH A O   1 
HETATM 504 O  O   . HOH E 4 .  ? -5.783  -9.809  2.908   1.00 52.75  ? 425 HOH A O   1 
HETATM 505 O  O   . HOH E 4 .  ? 3.834   -6.323  -9.650  1.00 55.61  ? 426 HOH A O   1 
HETATM 506 O  O   . HOH E 4 .  ? -8.034  -9.493  5.060   1.00 60.57  ? 427 HOH A O   1 
HETATM 507 O  O   . HOH E 4 .  ? 5.512   3.755   -7.916  1.00 45.30  ? 428 HOH A O   1 
HETATM 508 O  O   . HOH E 4 .  ? -3.370  -10.120 4.931   1.00 58.47  ? 429 HOH A O   1 
HETATM 509 O  O   . HOH E 4 .  ? 4.343   12.535  -9.617  1.00 53.88  ? 430 HOH A O   1 
HETATM 510 O  O   . HOH E 4 .  ? 6.442   9.688   -8.642  1.00 57.52  ? 431 HOH A O   1 
HETATM 511 O  O   . HOH E 4 .  ? -8.877  11.018  -2.839  1.00 57.71  ? 432 HOH A O   1 
HETATM 512 O  O   . HOH E 4 .  ? 9.201   -5.584  6.814   1.00 61.29  ? 433 HOH A O   1 
HETATM 513 O  O   . HOH E 4 .  ? 7.086   0.303   8.426   1.00 59.45  ? 434 HOH A O   1 
HETATM 514 O  O   . HOH E 4 .  ? -5.232  12.648  -10.880 1.00 53.40  ? 435 HOH A O   1 
HETATM 515 O  O   . HOH E 4 .  ? -9.669  3.864   4.488   1.00 56.52  ? 436 HOH A O   1 
HETATM 516 O  O   . HOH E 4 .  ? 13.433  -7.764  -7.194  1.00 51.85  ? 437 HOH A O   1 
HETATM 517 O  O   . HOH E 4 .  ? -7.487  -10.603 7.958   1.00 54.31  ? 438 HOH A O   1 
HETATM 518 O  O   . HOH F 4 .  ? -6.518  0.870   -8.371  1.00 47.89  ? 13  HOH B O   1 
HETATM 519 O  O   . HOH F 4 .  ? 1.013   -9.065  -8.258  1.00 47.87  ? 14  HOH B O   1 
HETATM 520 O  O   . HOH F 4 .  ? 4.113   -9.434  -8.619  1.00 55.97  ? 15  HOH B O   1 
# 
loop_
_pdbx_poly_seq_scheme.asym_id 
_pdbx_poly_seq_scheme.entity_id 
_pdbx_poly_seq_scheme.seq_id 
_pdbx_poly_seq_scheme.mon_id 
_pdbx_poly_seq_scheme.ndb_seq_num 
_pdbx_poly_seq_scheme.pdb_seq_num 
_pdbx_poly_seq_scheme.auth_seq_num 
_pdbx_poly_seq_scheme.pdb_mon_id 
_pdbx_poly_seq_scheme.auth_mon_id 
_pdbx_poly_seq_scheme.pdb_strand_id 
_pdbx_poly_seq_scheme.pdb_ins_code 
_pdbx_poly_seq_scheme.hetero 
A 1 1  GLY 1  200 ?   ?   ?   A . n 
A 1 2  SER 2  201 ?   ?   ?   A . n 
A 1 3  ASP 3  202 ?   ?   ?   A . n 
A 1 4  LEU 4  203 ?   ?   ?   A . n 
A 1 5  PRO 5  204 ?   ?   ?   A . n 
A 1 6  ILE 6  205 ?   ?   ?   A . n 
A 1 7  ASP 7  206 ?   ?   ?   A . n 
A 1 8  PRO 8  207 ?   ?   ?   A . n 
A 1 9  ASN 9  208 ?   ?   ?   A . n 
A 1 10 GLU 10 209 209 GLU GLU A . n 
A 1 11 PRO 11 210 210 PRO PRO A . n 
A 1 12 THR 12 211 211 THR THR A . n 
A 1 13 TYR 13 212 212 TYR TYR A . n 
A 1 14 CYS 14 213 213 CYS CYS A . n 
A 1 15 LEU 15 214 214 LEU LEU A . n 
A 1 16 CYS 16 215 215 CYS CYS A . n 
A 1 17 ASN 17 216 216 ASN ASN A . n 
A 1 18 GLN 18 217 217 GLN GLN A . n 
A 1 19 VAL 19 218 218 VAL VAL A . n 
A 1 20 SER 20 219 219 SER SER A . n 
A 1 21 TYR 21 220 220 TYR TYR A . n 
A 1 22 GLY 22 221 221 GLY GLY A . n 
A 1 23 GLU 23 222 222 GLU GLU A . n 
A 1 24 MET 24 223 223 MET MET A . n 
A 1 25 ILE 25 224 224 ILE ILE A . n 
A 1 26 GLY 26 225 225 GLY GLY A . n 
A 1 27 CYS 27 226 226 CYS CYS A . n 
A 1 28 ASP 28 227 227 ASP ASP A . n 
A 1 29 ASN 29 228 228 ASN ASN A . n 
A 1 30 ASP 30 229 229 ASP ASP A . n 
A 1 31 GLU 31 230 230 GLU GLU A . n 
A 1 32 CYS 32 231 231 CYS CYS A . n 
A 1 33 PRO 33 232 232 PRO PRO A . n 
A 1 34 ILE 34 233 233 ILE ILE A . n 
A 1 35 GLU 35 234 234 GLU GLU A . n 
A 1 36 TRP 36 235 235 TRP TRP A . n 
A 1 37 PHE 37 236 236 PHE PHE A . n 
A 1 38 HIS 38 237 237 HIS HIS A . n 
A 1 39 PHE 39 238 238 PHE PHE A . n 
A 1 40 SER 40 239 239 SER SER A . n 
A 1 41 CYS 41 240 240 CYS CYS A . n 
A 1 42 VAL 42 241 241 VAL VAL A . n 
A 1 43 GLY 43 242 242 GLY GLY A . n 
A 1 44 LEU 44 243 243 LEU LEU A . n 
A 1 45 ASN 45 244 244 ASN ASN A . n 
A 1 46 HIS 46 245 245 HIS HIS A . n 
A 1 47 LYS 47 246 246 LYS LYS A . n 
A 1 48 PRO 48 247 247 PRO PRO A . n 
A 1 49 LYS 49 248 248 LYS LYS A . n 
A 1 50 GLY 50 249 249 GLY GLY A . n 
A 1 51 LYS 51 250 250 LYS LYS A . n 
A 1 52 TRP 52 251 251 TRP TRP A . n 
A 1 53 TYR 53 252 252 TYR TYR A . n 
A 1 54 CYS 54 253 253 CYS CYS A . n 
A 1 55 PRO 55 254 254 PRO PRO A . n 
A 1 56 LYS 56 255 255 LYS LYS A . n 
A 1 57 CYS 57 256 256 CYS CYS A . n 
A 1 58 ARG 58 257 257 ARG ARG A . n 
A 1 59 GLY 59 258 258 GLY GLY A . n 
A 1 60 GLU 60 259 259 GLU GLU A . n 
A 1 61 ASN 61 260 ?   ?   ?   A . n 
A 1 62 GLU 62 261 ?   ?   ?   A . n 
B 2 1  ALA 1  1   1   ALA ALA B . n 
B 2 2  ARG 2  2   2   ARG ARG B . n 
B 2 3  THR 3  3   3   THR THR B . n 
B 2 4  M3L 4  4   4   M3L M3L B . n 
B 2 5  GLN 5  5   5   GLN GLN B . n 
B 2 6  THR 6  6   6   THR THR B . n 
B 2 7  ALA 7  7   7   ALA ALA B . n 
B 2 8  ARG 8  8   8   ARG ARG B . n 
B 2 9  LYS 9  9   ?   ?   ?   B . n 
B 2 10 SER 10 10  ?   ?   ?   B . n 
B 2 11 THR 11 11  ?   ?   ?   B . n 
B 2 12 GLY 12 12  ?   ?   ?   B . n 
# 
loop_
_pdbx_nonpoly_scheme.asym_id 
_pdbx_nonpoly_scheme.entity_id 
_pdbx_nonpoly_scheme.mon_id 
_pdbx_nonpoly_scheme.ndb_seq_num 
_pdbx_nonpoly_scheme.pdb_seq_num 
_pdbx_nonpoly_scheme.auth_seq_num 
_pdbx_nonpoly_scheme.pdb_mon_id 
_pdbx_nonpoly_scheme.auth_mon_id 
_pdbx_nonpoly_scheme.pdb_strand_id 
_pdbx_nonpoly_scheme.pdb_ins_code 
C 3 ZN  1  300 300 ZN  ZN2 A . 
D 3 ZN  1  400 400 ZN  ZN2 A . 
E 4 HOH 1  401 1   HOH TIP A . 
E 4 HOH 2  402 2   HOH TIP A . 
E 4 HOH 3  403 3   HOH TIP A . 
E 4 HOH 4  404 4   HOH TIP A . 
E 4 HOH 5  405 5   HOH TIP A . 
E 4 HOH 6  406 6   HOH TIP A . 
E 4 HOH 7  407 7   HOH TIP A . 
E 4 HOH 8  408 8   HOH TIP A . 
E 4 HOH 9  409 9   HOH TIP A . 
E 4 HOH 10 410 10  HOH TIP A . 
E 4 HOH 11 411 11  HOH TIP A . 
E 4 HOH 12 412 12  HOH TIP A . 
E 4 HOH 13 413 13  HOH TIP A . 
E 4 HOH 14 414 14  HOH TIP A . 
E 4 HOH 15 415 15  HOH TIP A . 
E 4 HOH 16 416 17  HOH TIP A . 
E 4 HOH 17 417 18  HOH TIP A . 
E 4 HOH 18 418 19  HOH TIP A . 
E 4 HOH 19 419 21  HOH TIP A . 
E 4 HOH 20 420 22  HOH TIP A . 
E 4 HOH 21 421 23  HOH TIP A . 
E 4 HOH 22 422 24  HOH TIP A . 
E 4 HOH 23 423 25  HOH TIP A . 
E 4 HOH 24 424 26  HOH TIP A . 
E 4 HOH 25 425 27  HOH TIP A . 
E 4 HOH 26 426 28  HOH TIP A . 
E 4 HOH 27 427 29  HOH TIP A . 
E 4 HOH 28 428 30  HOH TIP A . 
E 4 HOH 29 429 31  HOH TIP A . 
E 4 HOH 30 430 32  HOH TIP A . 
E 4 HOH 31 431 33  HOH TIP A . 
E 4 HOH 32 432 34  HOH TIP A . 
E 4 HOH 33 433 35  HOH TIP A . 
E 4 HOH 34 434 36  HOH TIP A . 
E 4 HOH 35 435 37  HOH TIP A . 
E 4 HOH 36 436 38  HOH TIP A . 
E 4 HOH 37 437 39  HOH TIP A . 
E 4 HOH 38 438 41  HOH TIP A . 
F 4 HOH 1  13  16  HOH TIP B . 
F 4 HOH 2  14  20  HOH TIP B . 
F 4 HOH 3  15  40  HOH TIP B . 
# 
_pdbx_struct_mod_residue.id               1 
_pdbx_struct_mod_residue.label_asym_id    B 
_pdbx_struct_mod_residue.label_comp_id    M3L 
_pdbx_struct_mod_residue.label_seq_id     4 
_pdbx_struct_mod_residue.auth_asym_id     B 
_pdbx_struct_mod_residue.auth_comp_id     M3L 
_pdbx_struct_mod_residue.auth_seq_id      4 
_pdbx_struct_mod_residue.PDB_ins_code     ? 
_pdbx_struct_mod_residue.parent_comp_id   LYS 
_pdbx_struct_mod_residue.details          N-TRIMETHYLLYSINE 
# 
loop_
_pdbx_struct_assembly.id 
_pdbx_struct_assembly.details 
_pdbx_struct_assembly.method_details 
_pdbx_struct_assembly.oligomeric_details 
_pdbx_struct_assembly.oligomeric_count 
1 author_defined_assembly   ?    dimeric   2 
2 software_defined_assembly PISA monomeric 1 
3 software_defined_assembly PISA monomeric 1 
# 
loop_
_pdbx_struct_assembly_gen.assembly_id 
_pdbx_struct_assembly_gen.oper_expression 
_pdbx_struct_assembly_gen.asym_id_list 
1 1 A,B,C,D,E,F 
2 1 A,C,D,E     
3 1 B,F         
# 
_pdbx_struct_oper_list.id                   1 
_pdbx_struct_oper_list.type                 'identity operation' 
_pdbx_struct_oper_list.name                 1_555 
_pdbx_struct_oper_list.symmetry_operation   x,y,z 
_pdbx_struct_oper_list.matrix[1][1]         1.0000000000 
_pdbx_struct_oper_list.matrix[1][2]         0.0000000000 
_pdbx_struct_oper_list.matrix[1][3]         0.0000000000 
_pdbx_struct_oper_list.vector[1]            0.0000000000 
_pdbx_struct_oper_list.matrix[2][1]         0.0000000000 
_pdbx_struct_oper_list.matrix[2][2]         1.0000000000 
_pdbx_struct_oper_list.matrix[2][3]         0.0000000000 
_pdbx_struct_oper_list.vector[2]            0.0000000000 
_pdbx_struct_oper_list.matrix[3][1]         0.0000000000 
_pdbx_struct_oper_list.matrix[3][2]         0.0000000000 
_pdbx_struct_oper_list.matrix[3][3]         1.0000000000 
_pdbx_struct_oper_list.vector[3]            0.0000000000 
# 
loop_
_pdbx_struct_conn_angle.id 
_pdbx_struct_conn_angle.ptnr1_label_atom_id 
_pdbx_struct_conn_angle.ptnr1_label_alt_id 
_pdbx_struct_conn_angle.ptnr1_label_asym_id 
_pdbx_struct_conn_angle.ptnr1_label_comp_id 
_pdbx_struct_conn_angle.ptnr1_label_seq_id 
_pdbx_struct_conn_angle.ptnr1_auth_atom_id 
_pdbx_struct_conn_angle.ptnr1_auth_asym_id 
_pdbx_struct_conn_angle.ptnr1_auth_comp_id 
_pdbx_struct_conn_angle.ptnr1_auth_seq_id 
_pdbx_struct_conn_angle.ptnr1_PDB_ins_code 
_pdbx_struct_conn_angle.ptnr1_symmetry 
_pdbx_struct_conn_angle.ptnr2_label_atom_id 
_pdbx_struct_conn_angle.ptnr2_label_alt_id 
_pdbx_struct_conn_angle.ptnr2_label_asym_id 
_pdbx_struct_conn_angle.ptnr2_label_comp_id 
_pdbx_struct_conn_angle.ptnr2_label_seq_id 
_pdbx_struct_conn_angle.ptnr2_auth_atom_id 
_pdbx_struct_conn_angle.ptnr2_auth_asym_id 
_pdbx_struct_conn_angle.ptnr2_auth_comp_id 
_pdbx_struct_conn_angle.ptnr2_auth_seq_id 
_pdbx_struct_conn_angle.ptnr2_PDB_ins_code 
_pdbx_struct_conn_angle.ptnr2_symmetry 
_pdbx_struct_conn_angle.ptnr3_label_atom_id 
_pdbx_struct_conn_angle.ptnr3_label_alt_id 
_pdbx_struct_conn_angle.ptnr3_label_asym_id 
_pdbx_struct_conn_angle.ptnr3_label_comp_id 
_pdbx_struct_conn_angle.ptnr3_label_seq_id 
_pdbx_struct_conn_angle.ptnr3_auth_atom_id 
_pdbx_struct_conn_angle.ptnr3_auth_asym_id 
_pdbx_struct_conn_angle.ptnr3_auth_comp_id 
_pdbx_struct_conn_angle.ptnr3_auth_seq_id 
_pdbx_struct_conn_angle.ptnr3_PDB_ins_code 
_pdbx_struct_conn_angle.ptnr3_symmetry 
_pdbx_struct_conn_angle.value 
_pdbx_struct_conn_angle.value_esd 
1  SG  ? A CYS 14 ? A CYS 213 ? 1_555 ZN ? C ZN . ? A ZN 300 ? 1_555 SG  ? A CYS 16 ? A CYS 215 ? 1_555 113.9 ? 
2  SG  ? A CYS 14 ? A CYS 213 ? 1_555 ZN ? C ZN . ? A ZN 300 ? 1_555 ND1 ? A HIS 38 ? A HIS 237 ? 1_555 102.5 ? 
3  SG  ? A CYS 16 ? A CYS 215 ? 1_555 ZN ? C ZN . ? A ZN 300 ? 1_555 ND1 ? A HIS 38 ? A HIS 237 ? 1_555 97.6  ? 
4  SG  ? A CYS 14 ? A CYS 213 ? 1_555 ZN ? C ZN . ? A ZN 300 ? 1_555 SG  ? A CYS 41 ? A CYS 240 ? 1_555 104.8 ? 
5  SG  ? A CYS 16 ? A CYS 215 ? 1_555 ZN ? C ZN . ? A ZN 300 ? 1_555 SG  ? A CYS 41 ? A CYS 240 ? 1_555 117.8 ? 
6  ND1 ? A HIS 38 ? A HIS 237 ? 1_555 ZN ? C ZN . ? A ZN 300 ? 1_555 SG  ? A CYS 41 ? A CYS 240 ? 1_555 119.7 ? 
7  SG  ? A CYS 27 ? A CYS 226 ? 1_555 ZN ? D ZN . ? A ZN 400 ? 1_555 SG  ? A CYS 32 ? A CYS 231 ? 1_555 112.1 ? 
8  SG  ? A CYS 27 ? A CYS 226 ? 1_555 ZN ? D ZN . ? A ZN 400 ? 1_555 SG  ? A CYS 54 ? A CYS 253 ? 1_555 117.9 ? 
9  SG  ? A CYS 32 ? A CYS 231 ? 1_555 ZN ? D ZN . ? A ZN 400 ? 1_555 SG  ? A CYS 54 ? A CYS 253 ? 1_555 111.0 ? 
10 SG  ? A CYS 27 ? A CYS 226 ? 1_555 ZN ? D ZN . ? A ZN 400 ? 1_555 SG  ? A CYS 57 ? A CYS 256 ? 1_555 105.0 ? 
11 SG  ? A CYS 32 ? A CYS 231 ? 1_555 ZN ? D ZN . ? A ZN 400 ? 1_555 SG  ? A CYS 57 ? A CYS 256 ? 1_555 111.4 ? 
12 SG  ? A CYS 54 ? A CYS 253 ? 1_555 ZN ? D ZN . ? A ZN 400 ? 1_555 SG  ? A CYS 57 ? A CYS 256 ? 1_555 98.3  ? 
# 
loop_
_pdbx_audit_revision_history.ordinal 
_pdbx_audit_revision_history.data_content_type 
_pdbx_audit_revision_history.major_revision 
_pdbx_audit_revision_history.minor_revision 
_pdbx_audit_revision_history.revision_date 
1 'Structure model' 1 0 2008-05-13 
2 'Structure model' 1 1 2011-07-13 
3 'Structure model' 1 2 2023-08-30 
# 
_pdbx_audit_revision_details.ordinal             1 
_pdbx_audit_revision_details.revision_ordinal    1 
_pdbx_audit_revision_details.data_content_type   'Structure model' 
_pdbx_audit_revision_details.provider            repository 
_pdbx_audit_revision_details.type                'Initial release' 
_pdbx_audit_revision_details.description         ? 
_pdbx_audit_revision_details.details             ? 
# 
loop_
_pdbx_audit_revision_group.ordinal 
_pdbx_audit_revision_group.revision_ordinal 
_pdbx_audit_revision_group.data_content_type 
_pdbx_audit_revision_group.group 
1 2 'Structure model' 'Version format compliance' 
2 3 'Structure model' 'Data collection'           
3 3 'Structure model' 'Database references'       
4 3 'Structure model' 'Derived calculations'      
5 3 'Structure model' 'Refinement description'    
# 
loop_
_pdbx_audit_revision_category.ordinal 
_pdbx_audit_revision_category.revision_ordinal 
_pdbx_audit_revision_category.data_content_type 
_pdbx_audit_revision_category.category 
1 3 'Structure model' chem_comp_atom                
2 3 'Structure model' chem_comp_bond                
3 3 'Structure model' database_2                    
4 3 'Structure model' pdbx_initial_refinement_model 
5 3 'Structure model' pdbx_struct_conn_angle        
6 3 'Structure model' struct_conn                   
7 3 'Structure model' struct_conn_type              
8 3 'Structure model' struct_ref_seq_dif            
9 3 'Structure model' struct_site                   
# 
loop_
_pdbx_audit_revision_item.ordinal 
_pdbx_audit_revision_item.revision_ordinal 
_pdbx_audit_revision_item.data_content_type 
_pdbx_audit_revision_item.item 
1  3 'Structure model' '_database_2.pdbx_DOI'                        
2  3 'Structure model' '_database_2.pdbx_database_accession'         
3  3 'Structure model' '_pdbx_struct_conn_angle.ptnr1_auth_comp_id'  
4  3 'Structure model' '_pdbx_struct_conn_angle.ptnr1_auth_seq_id'   
5  3 'Structure model' '_pdbx_struct_conn_angle.ptnr1_label_atom_id' 
6  3 'Structure model' '_pdbx_struct_conn_angle.ptnr1_label_comp_id' 
7  3 'Structure model' '_pdbx_struct_conn_angle.ptnr1_label_seq_id'  
8  3 'Structure model' '_pdbx_struct_conn_angle.ptnr3_auth_comp_id'  
9  3 'Structure model' '_pdbx_struct_conn_angle.ptnr3_auth_seq_id'   
10 3 'Structure model' '_pdbx_struct_conn_angle.ptnr3_label_atom_id' 
11 3 'Structure model' '_pdbx_struct_conn_angle.ptnr3_label_comp_id' 
12 3 'Structure model' '_pdbx_struct_conn_angle.ptnr3_label_seq_id'  
13 3 'Structure model' '_pdbx_struct_conn_angle.value'               
14 3 'Structure model' '_struct_conn.conn_type_id'                   
15 3 'Structure model' '_struct_conn.id'                             
16 3 'Structure model' '_struct_conn.pdbx_dist_value'                
17 3 'Structure model' '_struct_conn.pdbx_leaving_atom_flag'         
18 3 'Structure model' '_struct_conn.ptnr1_auth_asym_id'             
19 3 'Structure model' '_struct_conn.ptnr1_auth_comp_id'             
20 3 'Structure model' '_struct_conn.ptnr1_auth_seq_id'              
21 3 'Structure model' '_struct_conn.ptnr1_label_asym_id'            
22 3 'Structure model' '_struct_conn.ptnr1_label_atom_id'            
23 3 'Structure model' '_struct_conn.ptnr1_label_comp_id'            
24 3 'Structure model' '_struct_conn.ptnr1_label_seq_id'             
25 3 'Structure model' '_struct_conn.ptnr2_auth_asym_id'             
26 3 'Structure model' '_struct_conn.ptnr2_auth_comp_id'             
27 3 'Structure model' '_struct_conn.ptnr2_auth_seq_id'              
28 3 'Structure model' '_struct_conn.ptnr2_label_asym_id'            
29 3 'Structure model' '_struct_conn.ptnr2_label_atom_id'            
30 3 'Structure model' '_struct_conn.ptnr2_label_comp_id'            
31 3 'Structure model' '_struct_conn.ptnr2_label_seq_id'             
32 3 'Structure model' '_struct_conn_type.id'                        
33 3 'Structure model' '_struct_ref_seq_dif.details'                 
34 3 'Structure model' '_struct_site.pdbx_auth_asym_id'              
35 3 'Structure model' '_struct_site.pdbx_auth_comp_id'              
36 3 'Structure model' '_struct_site.pdbx_auth_seq_id'               
# 
loop_
_software.name 
_software.classification 
_software.version 
_software.citation_id 
_software.pdbx_ordinal 
CNS    refinement       . ? 1 
d*TREK 'data reduction' . ? 2 
d*TREK 'data scaling'   . ? 3 
CNS    phasing          . ? 4 
# 
loop_
_pdbx_validate_torsion.id 
_pdbx_validate_torsion.PDB_model_num 
_pdbx_validate_torsion.auth_comp_id 
_pdbx_validate_torsion.auth_asym_id 
_pdbx_validate_torsion.auth_seq_id 
_pdbx_validate_torsion.PDB_ins_code 
_pdbx_validate_torsion.label_alt_id 
_pdbx_validate_torsion.phi 
_pdbx_validate_torsion.psi 
1 1 CYS A 213 ? ? 63.14 179.66 
2 1 GLU A 234 ? ? 70.17 -61.68 
# 
loop_
_pdbx_unobs_or_zero_occ_residues.id 
_pdbx_unobs_or_zero_occ_residues.PDB_model_num 
_pdbx_unobs_or_zero_occ_residues.polymer_flag 
_pdbx_unobs_or_zero_occ_residues.occupancy_flag 
_pdbx_unobs_or_zero_occ_residues.auth_asym_id 
_pdbx_unobs_or_zero_occ_residues.auth_comp_id 
_pdbx_unobs_or_zero_occ_residues.auth_seq_id 
_pdbx_unobs_or_zero_occ_residues.PDB_ins_code 
_pdbx_unobs_or_zero_occ_residues.label_asym_id 
_pdbx_unobs_or_zero_occ_residues.label_comp_id 
_pdbx_unobs_or_zero_occ_residues.label_seq_id 
1  1 Y 1 A GLY 200 ? A GLY 1  
2  1 Y 1 A SER 201 ? A SER 2  
3  1 Y 1 A ASP 202 ? A ASP 3  
4  1 Y 1 A LEU 203 ? A LEU 4  
5  1 Y 1 A PRO 204 ? A PRO 5  
6  1 Y 1 A ILE 205 ? A ILE 6  
7  1 Y 1 A ASP 206 ? A ASP 7  
8  1 Y 1 A PRO 207 ? A PRO 8  
9  1 Y 1 A ASN 208 ? A ASN 9  
10 1 Y 1 A ASN 260 ? A ASN 61 
11 1 Y 1 A GLU 261 ? A GLU 62 
12 1 Y 1 B LYS 9   ? B LYS 9  
13 1 Y 1 B SER 10  ? B SER 10 
14 1 Y 1 B THR 11  ? B THR 11 
15 1 Y 1 B GLY 12  ? B GLY 12 
# 
loop_
_chem_comp_atom.comp_id 
_chem_comp_atom.atom_id 
_chem_comp_atom.type_symbol 
_chem_comp_atom.pdbx_aromatic_flag 
_chem_comp_atom.pdbx_stereo_config 
_chem_comp_atom.pdbx_ordinal 
ALA N    N  N N 1   
ALA CA   C  N S 2   
ALA C    C  N N 3   
ALA O    O  N N 4   
ALA CB   C  N N 5   
ALA OXT  O  N N 6   
ALA H    H  N N 7   
ALA H2   H  N N 8   
ALA HA   H  N N 9   
ALA HB1  H  N N 10  
ALA HB2  H  N N 11  
ALA HB3  H  N N 12  
ALA HXT  H  N N 13  
ARG N    N  N N 14  
ARG CA   C  N S 15  
ARG C    C  N N 16  
ARG O    O  N N 17  
ARG CB   C  N N 18  
ARG CG   C  N N 19  
ARG CD   C  N N 20  
ARG NE   N  N N 21  
ARG CZ   C  N N 22  
ARG NH1  N  N N 23  
ARG NH2  N  N N 24  
ARG OXT  O  N N 25  
ARG H    H  N N 26  
ARG H2   H  N N 27  
ARG HA   H  N N 28  
ARG HB2  H  N N 29  
ARG HB3  H  N N 30  
ARG HG2  H  N N 31  
ARG HG3  H  N N 32  
ARG HD2  H  N N 33  
ARG HD3  H  N N 34  
ARG HE   H  N N 35  
ARG HH11 H  N N 36  
ARG HH12 H  N N 37  
ARG HH21 H  N N 38  
ARG HH22 H  N N 39  
ARG HXT  H  N N 40  
ASN N    N  N N 41  
ASN CA   C  N S 42  
ASN C    C  N N 43  
ASN O    O  N N 44  
ASN CB   C  N N 45  
ASN CG   C  N N 46  
ASN OD1  O  N N 47  
ASN ND2  N  N N 48  
ASN OXT  O  N N 49  
ASN H    H  N N 50  
ASN H2   H  N N 51  
ASN HA   H  N N 52  
ASN HB2  H  N N 53  
ASN HB3  H  N N 54  
ASN HD21 H  N N 55  
ASN HD22 H  N N 56  
ASN HXT  H  N N 57  
ASP N    N  N N 58  
ASP CA   C  N S 59  
ASP C    C  N N 60  
ASP O    O  N N 61  
ASP CB   C  N N 62  
ASP CG   C  N N 63  
ASP OD1  O  N N 64  
ASP OD2  O  N N 65  
ASP OXT  O  N N 66  
ASP H    H  N N 67  
ASP H2   H  N N 68  
ASP HA   H  N N 69  
ASP HB2  H  N N 70  
ASP HB3  H  N N 71  
ASP HD2  H  N N 72  
ASP HXT  H  N N 73  
CYS N    N  N N 74  
CYS CA   C  N R 75  
CYS C    C  N N 76  
CYS O    O  N N 77  
CYS CB   C  N N 78  
CYS SG   S  N N 79  
CYS OXT  O  N N 80  
CYS H    H  N N 81  
CYS H2   H  N N 82  
CYS HA   H  N N 83  
CYS HB2  H  N N 84  
CYS HB3  H  N N 85  
CYS HG   H  N N 86  
CYS HXT  H  N N 87  
GLN N    N  N N 88  
GLN CA   C  N S 89  
GLN C    C  N N 90  
GLN O    O  N N 91  
GLN CB   C  N N 92  
GLN CG   C  N N 93  
GLN CD   C  N N 94  
GLN OE1  O  N N 95  
GLN NE2  N  N N 96  
GLN OXT  O  N N 97  
GLN H    H  N N 98  
GLN H2   H  N N 99  
GLN HA   H  N N 100 
GLN HB2  H  N N 101 
GLN HB3  H  N N 102 
GLN HG2  H  N N 103 
GLN HG3  H  N N 104 
GLN HE21 H  N N 105 
GLN HE22 H  N N 106 
GLN HXT  H  N N 107 
GLU N    N  N N 108 
GLU CA   C  N S 109 
GLU C    C  N N 110 
GLU O    O  N N 111 
GLU CB   C  N N 112 
GLU CG   C  N N 113 
GLU CD   C  N N 114 
GLU OE1  O  N N 115 
GLU OE2  O  N N 116 
GLU OXT  O  N N 117 
GLU H    H  N N 118 
GLU H2   H  N N 119 
GLU HA   H  N N 120 
GLU HB2  H  N N 121 
GLU HB3  H  N N 122 
GLU HG2  H  N N 123 
GLU HG3  H  N N 124 
GLU HE2  H  N N 125 
GLU HXT  H  N N 126 
GLY N    N  N N 127 
GLY CA   C  N N 128 
GLY C    C  N N 129 
GLY O    O  N N 130 
GLY OXT  O  N N 131 
GLY H    H  N N 132 
GLY H2   H  N N 133 
GLY HA2  H  N N 134 
GLY HA3  H  N N 135 
GLY HXT  H  N N 136 
HIS N    N  N N 137 
HIS CA   C  N S 138 
HIS C    C  N N 139 
HIS O    O  N N 140 
HIS CB   C  N N 141 
HIS CG   C  Y N 142 
HIS ND1  N  Y N 143 
HIS CD2  C  Y N 144 
HIS CE1  C  Y N 145 
HIS NE2  N  Y N 146 
HIS OXT  O  N N 147 
HIS H    H  N N 148 
HIS H2   H  N N 149 
HIS HA   H  N N 150 
HIS HB2  H  N N 151 
HIS HB3  H  N N 152 
HIS HD1  H  N N 153 
HIS HD2  H  N N 154 
HIS HE1  H  N N 155 
HIS HE2  H  N N 156 
HIS HXT  H  N N 157 
HOH O    O  N N 158 
HOH H1   H  N N 159 
HOH H2   H  N N 160 
ILE N    N  N N 161 
ILE CA   C  N S 162 
ILE C    C  N N 163 
ILE O    O  N N 164 
ILE CB   C  N S 165 
ILE CG1  C  N N 166 
ILE CG2  C  N N 167 
ILE CD1  C  N N 168 
ILE OXT  O  N N 169 
ILE H    H  N N 170 
ILE H2   H  N N 171 
ILE HA   H  N N 172 
ILE HB   H  N N 173 
ILE HG12 H  N N 174 
ILE HG13 H  N N 175 
ILE HG21 H  N N 176 
ILE HG22 H  N N 177 
ILE HG23 H  N N 178 
ILE HD11 H  N N 179 
ILE HD12 H  N N 180 
ILE HD13 H  N N 181 
ILE HXT  H  N N 182 
LEU N    N  N N 183 
LEU CA   C  N S 184 
LEU C    C  N N 185 
LEU O    O  N N 186 
LEU CB   C  N N 187 
LEU CG   C  N N 188 
LEU CD1  C  N N 189 
LEU CD2  C  N N 190 
LEU OXT  O  N N 191 
LEU H    H  N N 192 
LEU H2   H  N N 193 
LEU HA   H  N N 194 
LEU HB2  H  N N 195 
LEU HB3  H  N N 196 
LEU HG   H  N N 197 
LEU HD11 H  N N 198 
LEU HD12 H  N N 199 
LEU HD13 H  N N 200 
LEU HD21 H  N N 201 
LEU HD22 H  N N 202 
LEU HD23 H  N N 203 
LEU HXT  H  N N 204 
LYS N    N  N N 205 
LYS CA   C  N S 206 
LYS C    C  N N 207 
LYS O    O  N N 208 
LYS CB   C  N N 209 
LYS CG   C  N N 210 
LYS CD   C  N N 211 
LYS CE   C  N N 212 
LYS NZ   N  N N 213 
LYS OXT  O  N N 214 
LYS H    H  N N 215 
LYS H2   H  N N 216 
LYS HA   H  N N 217 
LYS HB2  H  N N 218 
LYS HB3  H  N N 219 
LYS HG2  H  N N 220 
LYS HG3  H  N N 221 
LYS HD2  H  N N 222 
LYS HD3  H  N N 223 
LYS HE2  H  N N 224 
LYS HE3  H  N N 225 
LYS HZ1  H  N N 226 
LYS HZ2  H  N N 227 
LYS HZ3  H  N N 228 
LYS HXT  H  N N 229 
M3L N    N  N N 230 
M3L CA   C  N S 231 
M3L CB   C  N N 232 
M3L CG   C  N N 233 
M3L CD   C  N N 234 
M3L CE   C  N N 235 
M3L NZ   N  N N 236 
M3L C    C  N N 237 
M3L O    O  N N 238 
M3L OXT  O  N N 239 
M3L CM1  C  N N 240 
M3L CM2  C  N N 241 
M3L CM3  C  N N 242 
M3L H    H  N N 243 
M3L H2   H  N N 244 
M3L HA   H  N N 245 
M3L HB2  H  N N 246 
M3L HB3  H  N N 247 
M3L HG2  H  N N 248 
M3L HG3  H  N N 249 
M3L HD2  H  N N 250 
M3L HD3  H  N N 251 
M3L HE2  H  N N 252 
M3L HE3  H  N N 253 
M3L HXT  H  N N 254 
M3L HM11 H  N N 255 
M3L HM12 H  N N 256 
M3L HM13 H  N N 257 
M3L HM21 H  N N 258 
M3L HM22 H  N N 259 
M3L HM23 H  N N 260 
M3L HM31 H  N N 261 
M3L HM32 H  N N 262 
M3L HM33 H  N N 263 
MET N    N  N N 264 
MET CA   C  N S 265 
MET C    C  N N 266 
MET O    O  N N 267 
MET CB   C  N N 268 
MET CG   C  N N 269 
MET SD   S  N N 270 
MET CE   C  N N 271 
MET OXT  O  N N 272 
MET H    H  N N 273 
MET H2   H  N N 274 
MET HA   H  N N 275 
MET HB2  H  N N 276 
MET HB3  H  N N 277 
MET HG2  H  N N 278 
MET HG3  H  N N 279 
MET HE1  H  N N 280 
MET HE2  H  N N 281 
MET HE3  H  N N 282 
MET HXT  H  N N 283 
PHE N    N  N N 284 
PHE CA   C  N S 285 
PHE C    C  N N 286 
PHE O    O  N N 287 
PHE CB   C  N N 288 
PHE CG   C  Y N 289 
PHE CD1  C  Y N 290 
PHE CD2  C  Y N 291 
PHE CE1  C  Y N 292 
PHE CE2  C  Y N 293 
PHE CZ   C  Y N 294 
PHE OXT  O  N N 295 
PHE H    H  N N 296 
PHE H2   H  N N 297 
PHE HA   H  N N 298 
PHE HB2  H  N N 299 
PHE HB3  H  N N 300 
PHE HD1  H  N N 301 
PHE HD2  H  N N 302 
PHE HE1  H  N N 303 
PHE HE2  H  N N 304 
PHE HZ   H  N N 305 
PHE HXT  H  N N 306 
PRO N    N  N N 307 
PRO CA   C  N S 308 
PRO C    C  N N 309 
PRO O    O  N N 310 
PRO CB   C  N N 311 
PRO CG   C  N N 312 
PRO CD   C  N N 313 
PRO OXT  O  N N 314 
PRO H    H  N N 315 
PRO HA   H  N N 316 
PRO HB2  H  N N 317 
PRO HB3  H  N N 318 
PRO HG2  H  N N 319 
PRO HG3  H  N N 320 
PRO HD2  H  N N 321 
PRO HD3  H  N N 322 
PRO HXT  H  N N 323 
SER N    N  N N 324 
SER CA   C  N S 325 
SER C    C  N N 326 
SER O    O  N N 327 
SER CB   C  N N 328 
SER OG   O  N N 329 
SER OXT  O  N N 330 
SER H    H  N N 331 
SER H2   H  N N 332 
SER HA   H  N N 333 
SER HB2  H  N N 334 
SER HB3  H  N N 335 
SER HG   H  N N 336 
SER HXT  H  N N 337 
THR N    N  N N 338 
THR CA   C  N S 339 
THR C    C  N N 340 
THR O    O  N N 341 
THR CB   C  N R 342 
THR OG1  O  N N 343 
THR CG2  C  N N 344 
THR OXT  O  N N 345 
THR H    H  N N 346 
THR H2   H  N N 347 
THR HA   H  N N 348 
THR HB   H  N N 349 
THR HG1  H  N N 350 
THR HG21 H  N N 351 
THR HG22 H  N N 352 
THR HG23 H  N N 353 
THR HXT  H  N N 354 
TRP N    N  N N 355 
TRP CA   C  N S 356 
TRP C    C  N N 357 
TRP O    O  N N 358 
TRP CB   C  N N 359 
TRP CG   C  Y N 360 
TRP CD1  C  Y N 361 
TRP CD2  C  Y N 362 
TRP NE1  N  Y N 363 
TRP CE2  C  Y N 364 
TRP CE3  C  Y N 365 
TRP CZ2  C  Y N 366 
TRP CZ3  C  Y N 367 
TRP CH2  C  Y N 368 
TRP OXT  O  N N 369 
TRP H    H  N N 370 
TRP H2   H  N N 371 
TRP HA   H  N N 372 
TRP HB2  H  N N 373 
TRP HB3  H  N N 374 
TRP HD1  H  N N 375 
TRP HE1  H  N N 376 
TRP HE3  H  N N 377 
TRP HZ2  H  N N 378 
TRP HZ3  H  N N 379 
TRP HH2  H  N N 380 
TRP HXT  H  N N 381 
TYR N    N  N N 382 
TYR CA   C  N S 383 
TYR C    C  N N 384 
TYR O    O  N N 385 
TYR CB   C  N N 386 
TYR CG   C  Y N 387 
TYR CD1  C  Y N 388 
TYR CD2  C  Y N 389 
TYR CE1  C  Y N 390 
TYR CE2  C  Y N 391 
TYR CZ   C  Y N 392 
TYR OH   O  N N 393 
TYR OXT  O  N N 394 
TYR H    H  N N 395 
TYR H2   H  N N 396 
TYR HA   H  N N 397 
TYR HB2  H  N N 398 
TYR HB3  H  N N 399 
TYR HD1  H  N N 400 
TYR HD2  H  N N 401 
TYR HE1  H  N N 402 
TYR HE2  H  N N 403 
TYR HH   H  N N 404 
TYR HXT  H  N N 405 
VAL N    N  N N 406 
VAL CA   C  N S 407 
VAL C    C  N N 408 
VAL O    O  N N 409 
VAL CB   C  N N 410 
VAL CG1  C  N N 411 
VAL CG2  C  N N 412 
VAL OXT  O  N N 413 
VAL H    H  N N 414 
VAL H2   H  N N 415 
VAL HA   H  N N 416 
VAL HB   H  N N 417 
VAL HG11 H  N N 418 
VAL HG12 H  N N 419 
VAL HG13 H  N N 420 
VAL HG21 H  N N 421 
VAL HG22 H  N N 422 
VAL HG23 H  N N 423 
VAL HXT  H  N N 424 
ZN  ZN   ZN N N 425 
# 
loop_
_chem_comp_bond.comp_id 
_chem_comp_bond.atom_id_1 
_chem_comp_bond.atom_id_2 
_chem_comp_bond.value_order 
_chem_comp_bond.pdbx_aromatic_flag 
_chem_comp_bond.pdbx_stereo_config 
_chem_comp_bond.pdbx_ordinal 
ALA N   CA   sing N N 1   
ALA N   H    sing N N 2   
ALA N   H2   sing N N 3   
ALA CA  C    sing N N 4   
ALA CA  CB   sing N N 5   
ALA CA  HA   sing N N 6   
ALA C   O    doub N N 7   
ALA C   OXT  sing N N 8   
ALA CB  HB1  sing N N 9   
ALA CB  HB2  sing N N 10  
ALA CB  HB3  sing N N 11  
ALA OXT HXT  sing N N 12  
ARG N   CA   sing N N 13  
ARG N   H    sing N N 14  
ARG N   H2   sing N N 15  
ARG CA  C    sing N N 16  
ARG CA  CB   sing N N 17  
ARG CA  HA   sing N N 18  
ARG C   O    doub N N 19  
ARG C   OXT  sing N N 20  
ARG CB  CG   sing N N 21  
ARG CB  HB2  sing N N 22  
ARG CB  HB3  sing N N 23  
ARG CG  CD   sing N N 24  
ARG CG  HG2  sing N N 25  
ARG CG  HG3  sing N N 26  
ARG CD  NE   sing N N 27  
ARG CD  HD2  sing N N 28  
ARG CD  HD3  sing N N 29  
ARG NE  CZ   sing N N 30  
ARG NE  HE   sing N N 31  
ARG CZ  NH1  sing N N 32  
ARG CZ  NH2  doub N N 33  
ARG NH1 HH11 sing N N 34  
ARG NH1 HH12 sing N N 35  
ARG NH2 HH21 sing N N 36  
ARG NH2 HH22 sing N N 37  
ARG OXT HXT  sing N N 38  
ASN N   CA   sing N N 39  
ASN N   H    sing N N 40  
ASN N   H2   sing N N 41  
ASN CA  C    sing N N 42  
ASN CA  CB   sing N N 43  
ASN CA  HA   sing N N 44  
ASN C   O    doub N N 45  
ASN C   OXT  sing N N 46  
ASN CB  CG   sing N N 47  
ASN CB  HB2  sing N N 48  
ASN CB  HB3  sing N N 49  
ASN CG  OD1  doub N N 50  
ASN CG  ND2  sing N N 51  
ASN ND2 HD21 sing N N 52  
ASN ND2 HD22 sing N N 53  
ASN OXT HXT  sing N N 54  
ASP N   CA   sing N N 55  
ASP N   H    sing N N 56  
ASP N   H2   sing N N 57  
ASP CA  C    sing N N 58  
ASP CA  CB   sing N N 59  
ASP CA  HA   sing N N 60  
ASP C   O    doub N N 61  
ASP C   OXT  sing N N 62  
ASP CB  CG   sing N N 63  
ASP CB  HB2  sing N N 64  
ASP CB  HB3  sing N N 65  
ASP CG  OD1  doub N N 66  
ASP CG  OD2  sing N N 67  
ASP OD2 HD2  sing N N 68  
ASP OXT HXT  sing N N 69  
CYS N   CA   sing N N 70  
CYS N   H    sing N N 71  
CYS N   H2   sing N N 72  
CYS CA  C    sing N N 73  
CYS CA  CB   sing N N 74  
CYS CA  HA   sing N N 75  
CYS C   O    doub N N 76  
CYS C   OXT  sing N N 77  
CYS CB  SG   sing N N 78  
CYS CB  HB2  sing N N 79  
CYS CB  HB3  sing N N 80  
CYS SG  HG   sing N N 81  
CYS OXT HXT  sing N N 82  
GLN N   CA   sing N N 83  
GLN N   H    sing N N 84  
GLN N   H2   sing N N 85  
GLN CA  C    sing N N 86  
GLN CA  CB   sing N N 87  
GLN CA  HA   sing N N 88  
GLN C   O    doub N N 89  
GLN C   OXT  sing N N 90  
GLN CB  CG   sing N N 91  
GLN CB  HB2  sing N N 92  
GLN CB  HB3  sing N N 93  
GLN CG  CD   sing N N 94  
GLN CG  HG2  sing N N 95  
GLN CG  HG3  sing N N 96  
GLN CD  OE1  doub N N 97  
GLN CD  NE2  sing N N 98  
GLN NE2 HE21 sing N N 99  
GLN NE2 HE22 sing N N 100 
GLN OXT HXT  sing N N 101 
GLU N   CA   sing N N 102 
GLU N   H    sing N N 103 
GLU N   H2   sing N N 104 
GLU CA  C    sing N N 105 
GLU CA  CB   sing N N 106 
GLU CA  HA   sing N N 107 
GLU C   O    doub N N 108 
GLU C   OXT  sing N N 109 
GLU CB  CG   sing N N 110 
GLU CB  HB2  sing N N 111 
GLU CB  HB3  sing N N 112 
GLU CG  CD   sing N N 113 
GLU CG  HG2  sing N N 114 
GLU CG  HG3  sing N N 115 
GLU CD  OE1  doub N N 116 
GLU CD  OE2  sing N N 117 
GLU OE2 HE2  sing N N 118 
GLU OXT HXT  sing N N 119 
GLY N   CA   sing N N 120 
GLY N   H    sing N N 121 
GLY N   H2   sing N N 122 
GLY CA  C    sing N N 123 
GLY CA  HA2  sing N N 124 
GLY CA  HA3  sing N N 125 
GLY C   O    doub N N 126 
GLY C   OXT  sing N N 127 
GLY OXT HXT  sing N N 128 
HIS N   CA   sing N N 129 
HIS N   H    sing N N 130 
HIS N   H2   sing N N 131 
HIS CA  C    sing N N 132 
HIS CA  CB   sing N N 133 
HIS CA  HA   sing N N 134 
HIS C   O    doub N N 135 
HIS C   OXT  sing N N 136 
HIS CB  CG   sing N N 137 
HIS CB  HB2  sing N N 138 
HIS CB  HB3  sing N N 139 
HIS CG  ND1  sing Y N 140 
HIS CG  CD2  doub Y N 141 
HIS ND1 CE1  doub Y N 142 
HIS ND1 HD1  sing N N 143 
HIS CD2 NE2  sing Y N 144 
HIS CD2 HD2  sing N N 145 
HIS CE1 NE2  sing Y N 146 
HIS CE1 HE1  sing N N 147 
HIS NE2 HE2  sing N N 148 
HIS OXT HXT  sing N N 149 
HOH O   H1   sing N N 150 
HOH O   H2   sing N N 151 
ILE N   CA   sing N N 152 
ILE N   H    sing N N 153 
ILE N   H2   sing N N 154 
ILE CA  C    sing N N 155 
ILE CA  CB   sing N N 156 
ILE CA  HA   sing N N 157 
ILE C   O    doub N N 158 
ILE C   OXT  sing N N 159 
ILE CB  CG1  sing N N 160 
ILE CB  CG2  sing N N 161 
ILE CB  HB   sing N N 162 
ILE CG1 CD1  sing N N 163 
ILE CG1 HG12 sing N N 164 
ILE CG1 HG13 sing N N 165 
ILE CG2 HG21 sing N N 166 
ILE CG2 HG22 sing N N 167 
ILE CG2 HG23 sing N N 168 
ILE CD1 HD11 sing N N 169 
ILE CD1 HD12 sing N N 170 
ILE CD1 HD13 sing N N 171 
ILE OXT HXT  sing N N 172 
LEU N   CA   sing N N 173 
LEU N   H    sing N N 174 
LEU N   H2   sing N N 175 
LEU CA  C    sing N N 176 
LEU CA  CB   sing N N 177 
LEU CA  HA   sing N N 178 
LEU C   O    doub N N 179 
LEU C   OXT  sing N N 180 
LEU CB  CG   sing N N 181 
LEU CB  HB2  sing N N 182 
LEU CB  HB3  sing N N 183 
LEU CG  CD1  sing N N 184 
LEU CG  CD2  sing N N 185 
LEU CG  HG   sing N N 186 
LEU CD1 HD11 sing N N 187 
LEU CD1 HD12 sing N N 188 
LEU CD1 HD13 sing N N 189 
LEU CD2 HD21 sing N N 190 
LEU CD2 HD22 sing N N 191 
LEU CD2 HD23 sing N N 192 
LEU OXT HXT  sing N N 193 
LYS N   CA   sing N N 194 
LYS N   H    sing N N 195 
LYS N   H2   sing N N 196 
LYS CA  C    sing N N 197 
LYS CA  CB   sing N N 198 
LYS CA  HA   sing N N 199 
LYS C   O    doub N N 200 
LYS C   OXT  sing N N 201 
LYS CB  CG   sing N N 202 
LYS CB  HB2  sing N N 203 
LYS CB  HB3  sing N N 204 
LYS CG  CD   sing N N 205 
LYS CG  HG2  sing N N 206 
LYS CG  HG3  sing N N 207 
LYS CD  CE   sing N N 208 
LYS CD  HD2  sing N N 209 
LYS CD  HD3  sing N N 210 
LYS CE  NZ   sing N N 211 
LYS CE  HE2  sing N N 212 
LYS CE  HE3  sing N N 213 
LYS NZ  HZ1  sing N N 214 
LYS NZ  HZ2  sing N N 215 
LYS NZ  HZ3  sing N N 216 
LYS OXT HXT  sing N N 217 
M3L N   CA   sing N N 218 
M3L N   H    sing N N 219 
M3L N   H2   sing N N 220 
M3L CA  CB   sing N N 221 
M3L CA  C    sing N N 222 
M3L CA  HA   sing N N 223 
M3L CB  CG   sing N N 224 
M3L CB  HB2  sing N N 225 
M3L CB  HB3  sing N N 226 
M3L CG  CD   sing N N 227 
M3L CG  HG2  sing N N 228 
M3L CG  HG3  sing N N 229 
M3L CD  CE   sing N N 230 
M3L CD  HD2  sing N N 231 
M3L CD  HD3  sing N N 232 
M3L CE  NZ   sing N N 233 
M3L CE  HE2  sing N N 234 
M3L CE  HE3  sing N N 235 
M3L NZ  CM1  sing N N 236 
M3L NZ  CM2  sing N N 237 
M3L NZ  CM3  sing N N 238 
M3L C   O    doub N N 239 
M3L C   OXT  sing N N 240 
M3L OXT HXT  sing N N 241 
M3L CM1 HM11 sing N N 242 
M3L CM1 HM12 sing N N 243 
M3L CM1 HM13 sing N N 244 
M3L CM2 HM21 sing N N 245 
M3L CM2 HM22 sing N N 246 
M3L CM2 HM23 sing N N 247 
M3L CM3 HM31 sing N N 248 
M3L CM3 HM32 sing N N 249 
M3L CM3 HM33 sing N N 250 
MET N   CA   sing N N 251 
MET N   H    sing N N 252 
MET N   H2   sing N N 253 
MET CA  C    sing N N 254 
MET CA  CB   sing N N 255 
MET CA  HA   sing N N 256 
MET C   O    doub N N 257 
MET C   OXT  sing N N 258 
MET CB  CG   sing N N 259 
MET CB  HB2  sing N N 260 
MET CB  HB3  sing N N 261 
MET CG  SD   sing N N 262 
MET CG  HG2  sing N N 263 
MET CG  HG3  sing N N 264 
MET SD  CE   sing N N 265 
MET CE  HE1  sing N N 266 
MET CE  HE2  sing N N 267 
MET CE  HE3  sing N N 268 
MET OXT HXT  sing N N 269 
PHE N   CA   sing N N 270 
PHE N   H    sing N N 271 
PHE N   H2   sing N N 272 
PHE CA  C    sing N N 273 
PHE CA  CB   sing N N 274 
PHE CA  HA   sing N N 275 
PHE C   O    doub N N 276 
PHE C   OXT  sing N N 277 
PHE CB  CG   sing N N 278 
PHE CB  HB2  sing N N 279 
PHE CB  HB3  sing N N 280 
PHE CG  CD1  doub Y N 281 
PHE CG  CD2  sing Y N 282 
PHE CD1 CE1  sing Y N 283 
PHE CD1 HD1  sing N N 284 
PHE CD2 CE2  doub Y N 285 
PHE CD2 HD2  sing N N 286 
PHE CE1 CZ   doub Y N 287 
PHE CE1 HE1  sing N N 288 
PHE CE2 CZ   sing Y N 289 
PHE CE2 HE2  sing N N 290 
PHE CZ  HZ   sing N N 291 
PHE OXT HXT  sing N N 292 
PRO N   CA   sing N N 293 
PRO N   CD   sing N N 294 
PRO N   H    sing N N 295 
PRO CA  C    sing N N 296 
PRO CA  CB   sing N N 297 
PRO CA  HA   sing N N 298 
PRO C   O    doub N N 299 
PRO C   OXT  sing N N 300 
PRO CB  CG   sing N N 301 
PRO CB  HB2  sing N N 302 
PRO CB  HB3  sing N N 303 
PRO CG  CD   sing N N 304 
PRO CG  HG2  sing N N 305 
PRO CG  HG3  sing N N 306 
PRO CD  HD2  sing N N 307 
PRO CD  HD3  sing N N 308 
PRO OXT HXT  sing N N 309 
SER N   CA   sing N N 310 
SER N   H    sing N N 311 
SER N   H2   sing N N 312 
SER CA  C    sing N N 313 
SER CA  CB   sing N N 314 
SER CA  HA   sing N N 315 
SER C   O    doub N N 316 
SER C   OXT  sing N N 317 
SER CB  OG   sing N N 318 
SER CB  HB2  sing N N 319 
SER CB  HB3  sing N N 320 
SER OG  HG   sing N N 321 
SER OXT HXT  sing N N 322 
THR N   CA   sing N N 323 
THR N   H    sing N N 324 
THR N   H2   sing N N 325 
THR CA  C    sing N N 326 
THR CA  CB   sing N N 327 
THR CA  HA   sing N N 328 
THR C   O    doub N N 329 
THR C   OXT  sing N N 330 
THR CB  OG1  sing N N 331 
THR CB  CG2  sing N N 332 
THR CB  HB   sing N N 333 
THR OG1 HG1  sing N N 334 
THR CG2 HG21 sing N N 335 
THR CG2 HG22 sing N N 336 
THR CG2 HG23 sing N N 337 
THR OXT HXT  sing N N 338 
TRP N   CA   sing N N 339 
TRP N   H    sing N N 340 
TRP N   H2   sing N N 341 
TRP CA  C    sing N N 342 
TRP CA  CB   sing N N 343 
TRP CA  HA   sing N N 344 
TRP C   O    doub N N 345 
TRP C   OXT  sing N N 346 
TRP CB  CG   sing N N 347 
TRP CB  HB2  sing N N 348 
TRP CB  HB3  sing N N 349 
TRP CG  CD1  doub Y N 350 
TRP CG  CD2  sing Y N 351 
TRP CD1 NE1  sing Y N 352 
TRP CD1 HD1  sing N N 353 
TRP CD2 CE2  doub Y N 354 
TRP CD2 CE3  sing Y N 355 
TRP NE1 CE2  sing Y N 356 
TRP NE1 HE1  sing N N 357 
TRP CE2 CZ2  sing Y N 358 
TRP CE3 CZ3  doub Y N 359 
TRP CE3 HE3  sing N N 360 
TRP CZ2 CH2  doub Y N 361 
TRP CZ2 HZ2  sing N N 362 
TRP CZ3 CH2  sing Y N 363 
TRP CZ3 HZ3  sing N N 364 
TRP CH2 HH2  sing N N 365 
TRP OXT HXT  sing N N 366 
TYR N   CA   sing N N 367 
TYR N   H    sing N N 368 
TYR N   H2   sing N N 369 
TYR CA  C    sing N N 370 
TYR CA  CB   sing N N 371 
TYR CA  HA   sing N N 372 
TYR C   O    doub N N 373 
TYR C   OXT  sing N N 374 
TYR CB  CG   sing N N 375 
TYR CB  HB2  sing N N 376 
TYR CB  HB3  sing N N 377 
TYR CG  CD1  doub Y N 378 
TYR CG  CD2  sing Y N 379 
TYR CD1 CE1  sing Y N 380 
TYR CD1 HD1  sing N N 381 
TYR CD2 CE2  doub Y N 382 
TYR CD2 HD2  sing N N 383 
TYR CE1 CZ   doub Y N 384 
TYR CE1 HE1  sing N N 385 
TYR CE2 CZ   sing Y N 386 
TYR CE2 HE2  sing N N 387 
TYR CZ  OH   sing N N 388 
TYR OH  HH   sing N N 389 
TYR OXT HXT  sing N N 390 
VAL N   CA   sing N N 391 
VAL N   H    sing N N 392 
VAL N   H2   sing N N 393 
VAL CA  C    sing N N 394 
VAL CA  CB   sing N N 395 
VAL CA  HA   sing N N 396 
VAL C   O    doub N N 397 
VAL C   OXT  sing N N 398 
VAL CB  CG1  sing N N 399 
VAL CB  CG2  sing N N 400 
VAL CB  HB   sing N N 401 
VAL CG1 HG11 sing N N 402 
VAL CG1 HG12 sing N N 403 
VAL CG1 HG13 sing N N 404 
VAL CG2 HG21 sing N N 405 
VAL CG2 HG22 sing N N 406 
VAL CG2 HG23 sing N N 407 
VAL OXT HXT  sing N N 408 
# 
loop_
_pdbx_entity_nonpoly.entity_id 
_pdbx_entity_nonpoly.name 
_pdbx_entity_nonpoly.comp_id 
3 'ZINC ION' ZN  
4 water      HOH 
# 
_pdbx_initial_refinement_model.id               1 
_pdbx_initial_refinement_model.entity_id_list   ? 
_pdbx_initial_refinement_model.type             'experimental model' 
_pdbx_initial_refinement_model.source_name      PDB 
_pdbx_initial_refinement_model.accession_code   2G6Q 
_pdbx_initial_refinement_model.details          'PDB entry 2G6Q' 
# 
